data_8JR9
#
_entry.id   8JR9
#
_cell.length_a   1.00
_cell.length_b   1.00
_cell.length_c   1.00
_cell.angle_alpha   90.00
_cell.angle_beta   90.00
_cell.angle_gamma   90.00
#
_symmetry.space_group_name_H-M   'P 1'
#
loop_
_entity.id
_entity.type
_entity.pdbx_description
1 polymer 'Guanine nucleotide-binding protein G(s) subunit alpha-1'
2 polymer 'Guanine nucleotide-binding protein G(I)/G(S)/G(T) subunit beta-1'
3 polymer 'Guanine nucleotide-binding protein G(I)/G(S)/G(O) subunit gamma-2'
4 polymer 'Nanobody 35'
5 polymer 'Parathyroid hormone/parathyroid hormone-related peptide receptor'
6 non-polymer PCO-371
#
loop_
_entity_poly.entity_id
_entity_poly.type
_entity_poly.pdbx_seq_one_letter_code
_entity_poly.pdbx_strand_id
1 'polypeptide(L)'
;MGCTLSAEDKAAVERSKMIEKQLQKDKQVYRATHRLLLLGADNSGKSTIVKQMRIYHVNGYSEEECKQYKAVVYSNTIQS
IIAIIRAMGRLKIDFGDSARADDARQLFVLAGAAEEGFMTAELAGVIKRLWKDSGVQACFNRSREYQLNDSAAYYLNDLD
RIAQPNYIPTQQDVLRTRVKTSGIFETKFQVDKVNFHMFDVGAQRDERRKWIQCFNDVTAIIFVVDSSDYNRLQEALNDF
KSIWNNRWLRTISVILFLNKQDLLAEKVLAGKSKIEDYFPEFARYTTPEDATPEPGEDPRVTRAKYFIRDEFLRISTASG
DGRHYCYPHFTCSVDTENARRIFNDCRDIIQRMHLRQYELL
;
A
2 'polypeptide(L)'
;GSLLQSELDQLRQEAEQLKNQIRDARKACADATLSQITNNIDPVGRIQMRTRRTLRGHLAKIYAMHWGTDSRLLVSASQD
GKLIIWDSYTTNKVHAIPLRSSWVMTCAYAPSGNYVACGGLDNICSIYNLKTREGNVRVSRELAGHTGYLSCCRFLDDNQ
IVTSSGDTTCALWDIETGQQTTTFTGHTGDVMSLSLAPDTRLFVSGACDASAKLWDVREGMCRQTFTGHESDINAICFFP
NGNAFATGSDDATCRLFDLRADQELMTYSHDNIICGITSVSFSKSGRLLLAGYDDFNCNVWDALKADRAGVLAGHDNRVS
CLGVTDDGMAVATGSWDSFLKIWNGSSGGGGS
;
B
3 'polypeptide(L)' MASNNTASIAQARKLVEQLKMEANIDRIKVSKAAADLMAYCEAHAKEDPLLTPVPASENPFREKKFFCAIL G
4 'polypeptide(L)'
;MAQVQLQESGGGLVQPGGSLRLSCAASGFTFSNYKMNWVRQAPGKGLEWVSDISQSGASISYTGSVKGRFTISRDNAKNT
LYLQMNSLKPEDTAVYYCARCPAPFTRDCFDVTSTTYAYRGQGTQVTVSSHHHHHHEPEA
;
N
5 'polypeptide(L)'
;DADDVMTKEEQIFLLHRAQAQCEKRLKEVLQRPASIMESDKGWTSASTSGKPRKDKASGKLYPESEEDKEAPTGSRYRGR
PCLPEWDHILCWPLGAPGEVVAVPCPDYIYDFNHKGHAYRRCDRNGSWELVPGHNRTWANYSECVKFLTNETREREVFDR
LAMIYTVGYSVSLASLTVAVLILAYFRRLHCTRNYIHMHLFLSFMLRAVSIFVKDAVLYSGATLDEAERLTEEELRAIAQ
APPPPATAAAGYAGCRVAVTFFLYFLATNYYWILVEGLYLHSLIFMAFFSEKKYLWGFTVFGWGLPAVFVAVWVSVRATL
ANTGCWDLSSGNKKWIIQVPILASIVLNFILFINIVRVLATKLRETNAGRCDTRQQYRKLLKSTLVLMPLFGVHYIVFMA
TPYTEVSGTLWQVQMHYEMLFNSFQGFFVAIIYCFCNGEVQAEIKKSWSRWTLALDFRRKARSGSSSYSYGPMVSHEF
;
R
#
# COMPACT_ATOMS: atom_id res chain seq x y z
N LEU A 5 -19.45 -38.80 0.79
CA LEU A 5 -19.78 -37.50 0.23
C LEU A 5 -20.25 -36.54 1.31
N SER A 6 -21.37 -36.89 1.96
CA SER A 6 -21.90 -36.05 3.03
C SER A 6 -20.92 -35.96 4.21
N ALA A 7 -20.33 -37.09 4.58
CA ALA A 7 -19.37 -37.08 5.69
C ALA A 7 -18.14 -36.25 5.35
N GLU A 8 -17.62 -36.40 4.14
CA GLU A 8 -16.46 -35.60 3.74
C GLU A 8 -16.78 -34.11 3.71
N ASP A 9 -17.96 -33.75 3.20
CA ASP A 9 -18.35 -32.34 3.18
C ASP A 9 -18.50 -31.80 4.60
N LYS A 10 -19.09 -32.59 5.51
CA LYS A 10 -19.23 -32.16 6.89
C LYS A 10 -17.86 -31.98 7.55
N ALA A 11 -16.94 -32.89 7.29
CA ALA A 11 -15.59 -32.76 7.85
C ALA A 11 -14.88 -31.53 7.31
N ALA A 12 -15.03 -31.26 6.02
CA ALA A 12 -14.42 -30.06 5.44
C ALA A 12 -15.04 -28.79 6.03
N VAL A 13 -16.35 -28.79 6.23
CA VAL A 13 -17.01 -27.64 6.83
C VAL A 13 -16.53 -27.43 8.26
N GLU A 14 -16.38 -28.51 9.02
CA GLU A 14 -15.88 -28.40 10.39
C GLU A 14 -14.46 -27.87 10.43
N ARG A 15 -13.60 -28.37 9.53
CA ARG A 15 -12.22 -27.87 9.47
C ARG A 15 -12.19 -26.40 9.10
N SER A 16 -13.02 -25.98 8.14
CA SER A 16 -13.09 -24.57 7.77
C SER A 16 -13.57 -23.72 8.95
N LYS A 17 -14.55 -24.22 9.71
CA LYS A 17 -15.03 -23.51 10.87
C LYS A 17 -13.93 -23.36 11.92
N MET A 18 -13.16 -24.42 12.14
CA MET A 18 -12.05 -24.34 13.10
C MET A 18 -11.00 -23.34 12.63
N ILE A 19 -10.68 -23.34 11.34
CA ILE A 19 -9.70 -22.39 10.82
C ILE A 19 -10.21 -20.95 10.97
N GLU A 20 -11.49 -20.74 10.69
CA GLU A 20 -12.07 -19.40 10.86
C GLU A 20 -12.07 -18.98 12.32
N LYS A 21 -12.33 -19.92 13.22
CA LYS A 21 -12.27 -19.61 14.65
C LYS A 21 -10.86 -19.22 15.07
N GLN A 22 -9.85 -19.94 14.57
CA GLN A 22 -8.47 -19.57 14.87
C GLN A 22 -8.12 -18.20 14.32
N LEU A 23 -8.58 -17.90 13.10
CA LEU A 23 -8.34 -16.58 12.51
C LEU A 23 -8.99 -15.48 13.34
N GLN A 24 -10.22 -15.70 13.80
CA GLN A 24 -10.89 -14.73 14.64
C GLN A 24 -10.16 -14.55 15.97
N LYS A 25 -9.68 -15.66 16.55
CA LYS A 25 -8.95 -15.59 17.80
C LYS A 25 -7.68 -14.78 17.65
N ASP A 26 -6.98 -14.97 16.51
CA ASP A 26 -5.68 -14.31 16.21
C ASP A 26 -5.85 -12.94 15.55
N LYS A 27 -7.07 -12.53 15.28
CA LYS A 27 -7.32 -11.18 14.79
C LYS A 27 -7.05 -10.13 15.86
N GLN A 28 -7.52 -10.39 17.08
CA GLN A 28 -7.30 -9.44 18.17
C GLN A 28 -5.81 -9.30 18.49
N VAL A 29 -5.09 -10.43 18.48
CA VAL A 29 -3.65 -10.39 18.73
C VAL A 29 -2.94 -9.58 17.65
N TYR A 30 -3.31 -9.80 16.40
CA TYR A 30 -2.68 -9.07 15.30
C TYR A 30 -2.98 -7.58 15.38
N ARG A 31 -4.22 -7.22 15.73
CA ARG A 31 -4.59 -5.81 15.79
C ARG A 31 -3.98 -5.11 16.99
N ALA A 32 -3.75 -5.84 18.09
CA ALA A 32 -3.21 -5.22 19.30
C ALA A 32 -1.80 -4.68 19.07
N THR A 33 -0.94 -5.46 18.41
CA THR A 33 0.43 -5.04 18.19
C THR A 33 0.50 -3.97 17.09
N HIS A 34 1.38 -3.00 17.30
CA HIS A 34 1.63 -1.93 16.33
C HIS A 34 2.96 -2.18 15.65
N ARG A 35 2.92 -2.31 14.32
CA ARG A 35 4.14 -2.58 13.55
C ARG A 35 4.88 -1.29 13.27
N LEU A 36 6.21 -1.33 13.43
CA LEU A 36 7.06 -0.17 13.22
C LEU A 36 8.24 -0.57 12.34
N LEU A 37 8.74 0.41 11.59
CA LEU A 37 9.90 0.22 10.73
C LEU A 37 11.01 1.15 11.17
N LEU A 38 12.20 0.60 11.39
CA LEU A 38 13.36 1.36 11.81
C LEU A 38 14.31 1.52 10.63
N LEU A 39 14.66 2.77 10.32
CA LEU A 39 15.52 3.07 9.18
C LEU A 39 16.57 4.08 9.59
N GLY A 40 17.71 4.04 8.89
CA GLY A 40 18.81 4.94 9.16
C GLY A 40 20.10 4.50 8.50
N ALA A 41 21.10 5.38 8.47
CA ALA A 41 22.37 5.05 7.85
C ALA A 41 23.28 4.34 8.85
N ASP A 42 24.48 3.99 8.38
CA ASP A 42 25.44 3.30 9.25
C ASP A 42 25.89 4.19 10.40
N ASN A 43 26.10 5.48 10.14
CA ASN A 43 26.55 6.39 11.19
C ASN A 43 25.49 6.58 12.26
N SER A 44 24.22 6.51 11.91
CA SER A 44 23.15 6.66 12.88
C SER A 44 23.17 5.50 13.88
N GLY A 45 22.93 5.82 15.15
CA GLY A 45 22.97 4.82 16.19
C GLY A 45 21.66 4.07 16.38
N LYS A 46 21.24 3.35 15.32
CA LYS A 46 20.02 2.54 15.44
C LYS A 46 20.20 1.42 16.47
N SER A 47 21.37 0.79 16.48
CA SER A 47 21.63 -0.28 17.45
C SER A 47 21.63 0.26 18.88
N THR A 48 22.11 1.49 19.08
CA THR A 48 22.13 2.07 20.42
C THR A 48 20.71 2.23 20.96
N ILE A 49 19.79 2.73 20.14
CA ILE A 49 18.41 2.89 20.59
C ILE A 49 17.68 1.55 20.62
N VAL A 50 18.12 0.56 19.85
CA VAL A 50 17.53 -0.77 19.94
C VAL A 50 17.88 -1.43 21.25
N LYS A 51 19.16 -1.34 21.65
CA LYS A 51 19.60 -1.97 22.89
C LYS A 51 19.16 -1.17 24.13
N GLN A 52 19.10 0.15 24.02
CA GLN A 52 18.70 0.96 25.17
C GLN A 52 17.23 0.73 25.54
N MET A 53 16.37 0.59 24.54
CA MET A 53 14.95 0.39 24.76
C MET A 53 14.55 -1.08 24.89
N ARG A 54 15.52 -1.99 24.74
CA ARG A 54 15.22 -3.41 24.88
C ARG A 54 14.86 -3.81 26.31
N ILE A 55 15.07 -2.93 27.29
CA ILE A 55 14.69 -3.21 28.67
C ILE A 55 13.19 -3.31 28.85
N TYR A 56 12.40 -2.87 27.87
CA TYR A 56 10.94 -2.93 27.93
C TYR A 56 10.40 -4.20 27.29
N HIS A 57 11.17 -5.29 27.30
CA HIS A 57 10.73 -6.53 26.67
C HIS A 57 9.53 -7.11 27.40
N VAL A 58 8.66 -7.77 26.63
CA VAL A 58 7.46 -8.38 27.18
C VAL A 58 7.81 -9.52 28.12
N THR A 181 22.19 -13.37 5.79
CA THR A 181 21.98 -14.40 6.79
C THR A 181 20.60 -14.27 7.43
N SER A 182 20.40 -13.18 8.18
CA SER A 182 19.13 -12.90 8.84
C SER A 182 18.26 -11.92 8.06
N GLY A 183 18.85 -10.82 7.60
CA GLY A 183 18.13 -9.86 6.77
C GLY A 183 17.33 -8.84 7.55
N ILE A 184 16.33 -9.29 8.28
CA ILE A 184 15.44 -8.41 9.03
C ILE A 184 15.40 -8.88 10.48
N PHE A 185 15.57 -7.94 11.41
CA PHE A 185 15.52 -8.22 12.84
C PHE A 185 14.19 -7.75 13.41
N GLU A 186 13.71 -8.48 14.42
CA GLU A 186 12.45 -8.18 15.08
C GLU A 186 12.71 -7.84 16.53
N THR A 187 12.19 -6.71 16.98
CA THR A 187 12.30 -6.27 18.37
C THR A 187 10.91 -6.01 18.93
N LYS A 188 10.59 -6.65 20.04
CA LYS A 188 9.28 -6.50 20.69
C LYS A 188 9.47 -5.86 22.06
N PHE A 189 8.76 -4.76 22.29
CA PHE A 189 8.79 -4.09 23.58
C PHE A 189 7.37 -3.65 23.93
N GLN A 190 7.09 -3.62 25.24
CA GLN A 190 5.77 -3.30 25.75
C GLN A 190 5.84 -2.04 26.60
N VAL A 191 4.99 -1.06 26.29
CA VAL A 191 4.87 0.16 27.06
C VAL A 191 3.39 0.43 27.29
N ASP A 192 3.02 0.69 28.55
CA ASP A 192 1.63 0.95 28.93
C ASP A 192 0.69 -0.17 28.49
N LYS A 193 1.17 -1.41 28.62
CA LYS A 193 0.39 -2.61 28.27
C LYS A 193 -0.05 -2.60 26.82
N VAL A 194 0.79 -2.06 25.93
CA VAL A 194 0.51 -2.03 24.50
C VAL A 194 1.66 -2.72 23.78
N ASN A 195 1.33 -3.68 22.92
CA ASN A 195 2.34 -4.42 22.18
C ASN A 195 2.92 -3.55 21.06
N PHE A 196 4.25 -3.48 20.99
CA PHE A 196 4.94 -2.70 19.97
C PHE A 196 6.01 -3.57 19.34
N HIS A 197 5.89 -3.83 18.04
CA HIS A 197 6.86 -4.60 17.29
C HIS A 197 7.52 -3.69 16.25
N MET A 198 8.84 -3.59 16.31
CA MET A 198 9.61 -2.84 15.33
C MET A 198 10.54 -3.77 14.59
N PHE A 199 10.81 -3.45 13.33
CA PHE A 199 11.62 -4.28 12.45
C PHE A 199 12.79 -3.46 11.92
N ASP A 200 14.00 -3.97 12.11
CA ASP A 200 15.22 -3.33 11.63
C ASP A 200 15.86 -4.21 10.56
N VAL A 201 16.13 -3.63 9.40
CA VAL A 201 16.71 -4.38 8.30
C VAL A 201 18.21 -4.51 8.51
N GLY A 202 18.72 -5.74 8.41
CA GLY A 202 20.12 -6.02 8.62
C GLY A 202 20.85 -6.40 7.34
N ALA A 203 21.05 -7.70 7.15
CA ALA A 203 21.81 -8.21 6.00
C ALA A 203 20.94 -8.11 4.74
N GLN A 204 20.93 -6.92 4.16
CA GLN A 204 20.21 -6.66 2.92
C GLN A 204 21.05 -5.75 2.04
N ARG A 205 20.72 -5.73 0.75
CA ARG A 205 21.47 -4.93 -0.20
C ARG A 205 21.20 -3.45 0.01
N ASP A 206 22.08 -2.61 -0.55
CA ASP A 206 21.93 -1.17 -0.41
C ASP A 206 20.65 -0.67 -1.06
N GLU A 207 20.31 -1.21 -2.23
CA GLU A 207 19.08 -0.84 -2.90
C GLU A 207 17.88 -1.24 -2.06
N ARG A 208 16.93 -0.32 -1.89
CA ARG A 208 15.78 -0.58 -1.02
C ARG A 208 14.47 -0.10 -1.62
N ARG A 209 14.42 0.15 -2.93
CA ARG A 209 13.19 0.62 -3.57
C ARG A 209 12.12 -0.47 -3.69
N LYS A 210 12.46 -1.73 -3.42
CA LYS A 210 11.53 -2.83 -3.62
C LYS A 210 10.94 -3.37 -2.32
N TRP A 211 11.78 -3.66 -1.32
CA TRP A 211 11.27 -4.20 -0.08
C TRP A 211 10.66 -3.15 0.83
N ILE A 212 10.85 -1.86 0.52
CA ILE A 212 10.24 -0.81 1.33
C ILE A 212 8.73 -0.75 1.13
N GLN A 213 8.21 -1.32 0.05
CA GLN A 213 6.77 -1.33 -0.18
C GLN A 213 6.06 -2.32 0.73
N CYS A 214 6.77 -3.28 1.31
CA CYS A 214 6.16 -4.24 2.21
C CYS A 214 5.72 -3.61 3.52
N PHE A 215 6.30 -2.47 3.89
CA PHE A 215 6.02 -1.81 5.16
C PHE A 215 5.00 -0.68 5.01
N ASN A 216 4.04 -0.83 4.10
CA ASN A 216 3.03 0.21 3.92
C ASN A 216 2.00 0.24 5.03
N ASP A 217 1.84 -0.87 5.76
CA ASP A 217 0.81 -0.99 6.78
C ASP A 217 1.33 -0.74 8.19
N VAL A 218 2.59 -0.31 8.34
CA VAL A 218 3.13 -0.07 9.67
C VAL A 218 2.50 1.18 10.26
N THR A 219 2.45 1.23 11.59
CA THR A 219 1.89 2.40 12.27
C THR A 219 2.73 3.64 12.01
N ALA A 220 4.05 3.51 12.08
CA ALA A 220 4.94 4.65 11.87
C ALA A 220 6.30 4.13 11.44
N ILE A 221 7.10 5.04 10.88
CA ILE A 221 8.47 4.74 10.45
C ILE A 221 9.41 5.58 11.31
N ILE A 222 10.34 4.91 11.99
CA ILE A 222 11.30 5.57 12.85
C ILE A 222 12.56 5.85 12.03
N PHE A 223 12.93 7.13 11.94
CA PHE A 223 14.08 7.56 11.17
C PHE A 223 15.13 8.13 12.12
N VAL A 224 16.35 7.59 12.03
CA VAL A 224 17.46 8.01 12.87
C VAL A 224 18.43 8.80 12.02
N VAL A 225 18.76 10.01 12.47
CA VAL A 225 19.60 10.94 11.72
C VAL A 225 20.78 11.36 12.58
N ASP A 226 21.98 11.28 12.03
CA ASP A 226 23.19 11.79 12.69
C ASP A 226 23.31 13.27 12.39
N SER A 227 23.04 14.10 13.41
CA SER A 227 23.08 15.54 13.27
C SER A 227 24.45 16.14 13.58
N SER A 228 25.44 15.31 13.90
CA SER A 228 26.77 15.77 14.26
C SER A 228 27.83 15.38 13.23
N ASP A 229 27.44 15.32 11.96
CA ASP A 229 28.35 14.92 10.89
C ASP A 229 28.58 16.01 9.85
N TYR A 230 27.52 16.69 9.41
CA TYR A 230 27.53 17.76 8.42
C TYR A 230 27.89 17.28 7.02
N ASN A 231 28.21 16.01 6.85
CA ASN A 231 28.52 15.44 5.53
C ASN A 231 27.45 14.46 5.07
N ARG A 232 27.02 13.56 5.94
CA ARG A 232 25.93 12.64 5.65
C ARG A 232 24.56 13.25 5.95
N LEU A 233 24.52 14.48 6.44
CA LEU A 233 23.24 15.13 6.71
C LEU A 233 22.44 15.34 5.43
N GLN A 234 23.11 15.71 4.35
CA GLN A 234 22.44 15.84 3.07
C GLN A 234 21.92 14.48 2.58
N GLU A 235 22.70 13.41 2.79
CA GLU A 235 22.25 12.08 2.45
C GLU A 235 21.02 11.69 3.25
N ALA A 236 20.98 12.06 4.54
CA ALA A 236 19.80 11.83 5.36
C ALA A 236 18.62 12.64 4.83
N LEU A 237 18.88 13.87 4.38
CA LEU A 237 17.82 14.69 3.79
C LEU A 237 17.27 14.04 2.53
N ASN A 238 18.15 13.51 1.69
CA ASN A 238 17.70 12.83 0.47
C ASN A 238 16.94 11.55 0.81
N ASP A 239 17.37 10.84 1.84
CA ASP A 239 16.65 9.65 2.28
C ASP A 239 15.26 10.01 2.77
N PHE A 240 15.14 11.14 3.49
CA PHE A 240 13.82 11.62 3.91
C PHE A 240 12.95 11.99 2.72
N LYS A 241 13.54 12.59 1.68
CA LYS A 241 12.76 12.97 0.50
C LYS A 241 12.17 11.75 -0.19
N SER A 242 12.96 10.68 -0.32
CA SER A 242 12.47 9.47 -0.97
C SER A 242 11.33 8.83 -0.18
N ILE A 243 11.46 8.77 1.15
CA ILE A 243 10.43 8.15 1.97
C ILE A 243 9.16 9.01 1.97
N TRP A 244 9.32 10.33 2.13
CA TRP A 244 8.15 11.20 2.21
C TRP A 244 7.39 11.25 0.89
N ASN A 245 8.11 11.25 -0.23
CA ASN A 245 7.48 11.34 -1.54
C ASN A 245 7.13 9.98 -2.13
N ASN A 246 7.37 8.89 -1.41
CA ASN A 246 7.02 7.57 -1.90
C ASN A 246 5.51 7.42 -2.04
N ARG A 247 5.08 6.81 -3.14
CA ARG A 247 3.65 6.63 -3.39
C ARG A 247 3.01 5.72 -2.34
N TRP A 248 3.71 4.64 -1.98
CA TRP A 248 3.15 3.69 -1.02
C TRP A 248 3.35 4.14 0.42
N LEU A 249 4.41 4.89 0.69
CA LEU A 249 4.65 5.45 2.02
C LEU A 249 4.07 6.86 2.14
N ARG A 250 2.80 7.00 1.80
CA ARG A 250 2.12 8.30 1.85
C ARG A 250 1.22 8.47 3.05
N THR A 251 0.69 7.38 3.60
CA THR A 251 -0.19 7.42 4.75
C THR A 251 0.52 7.05 6.04
N ILE A 252 1.85 7.02 6.04
CA ILE A 252 2.64 6.61 7.20
C ILE A 252 3.35 7.84 7.75
N SER A 253 3.15 8.11 9.03
CA SER A 253 3.87 9.18 9.71
C SER A 253 5.28 8.73 10.03
N VAL A 254 6.22 9.68 10.00
CA VAL A 254 7.63 9.41 10.23
C VAL A 254 8.02 9.99 11.57
N ILE A 255 8.55 9.15 12.46
CA ILE A 255 9.04 9.58 13.76
C ILE A 255 10.53 9.87 13.62
N LEU A 256 10.88 11.15 13.59
CA LEU A 256 12.27 11.55 13.42
C LEU A 256 13.02 11.47 14.74
N PHE A 257 14.16 10.79 14.73
CA PHE A 257 15.01 10.64 15.92
C PHE A 257 16.37 11.25 15.60
N LEU A 258 16.60 12.47 16.08
CA LEU A 258 17.89 13.15 15.89
C LEU A 258 18.84 12.63 16.96
N ASN A 259 19.51 11.53 16.65
CA ASN A 259 20.40 10.92 17.67
C ASN A 259 21.71 11.71 17.72
N LYS A 260 22.58 11.39 18.67
CA LYS A 260 23.93 12.02 18.75
C LYS A 260 23.78 13.54 18.80
N GLN A 261 22.94 14.04 19.69
CA GLN A 261 22.81 15.51 19.88
C GLN A 261 23.88 15.94 20.90
N ASP A 262 24.40 14.99 21.69
CA ASP A 262 25.51 15.31 22.62
C ASP A 262 26.75 15.61 21.80
N LEU A 263 26.93 14.88 20.70
CA LEU A 263 28.06 15.07 19.80
C LEU A 263 27.93 16.37 19.01
N LEU A 264 26.70 16.72 18.64
CA LEU A 264 26.48 17.99 17.96
C LEU A 264 26.81 19.17 18.87
N ALA A 265 26.49 19.05 20.16
CA ALA A 265 26.73 20.15 21.09
C ALA A 265 28.22 20.42 21.26
N GLU A 266 29.01 19.37 21.50
CA GLU A 266 30.45 19.54 21.71
C GLU A 266 31.13 20.08 20.46
N LYS A 267 30.69 19.63 19.29
CA LYS A 267 31.28 20.10 18.04
C LYS A 267 31.05 21.60 17.85
N VAL A 268 29.89 22.10 18.26
CA VAL A 268 29.56 23.50 18.07
C VAL A 268 30.47 24.39 18.91
N LEU A 269 30.68 24.04 20.19
CA LEU A 269 31.46 24.90 21.08
C LEU A 269 32.90 25.03 20.62
N ALA A 270 33.57 23.91 20.31
CA ALA A 270 34.95 23.98 19.85
C ALA A 270 35.03 24.70 18.50
N GLY A 271 34.13 24.37 17.58
CA GLY A 271 33.89 25.19 16.42
C GLY A 271 34.80 24.95 15.23
N LYS A 272 35.61 23.89 15.20
CA LYS A 272 36.45 23.67 14.04
C LYS A 272 35.59 23.47 12.79
N SER A 273 34.53 22.67 12.90
CA SER A 273 33.61 22.41 11.80
C SER A 273 32.35 23.23 11.98
N LYS A 274 31.99 23.98 10.94
CA LYS A 274 30.84 24.86 10.96
C LYS A 274 29.77 24.33 10.01
N ILE A 275 28.64 25.03 9.98
CA ILE A 275 27.52 24.65 9.13
C ILE A 275 27.43 25.51 7.87
N GLU A 276 27.98 26.73 7.89
CA GLU A 276 27.86 27.63 6.75
C GLU A 276 28.52 27.05 5.51
N ASP A 277 29.69 26.43 5.68
CA ASP A 277 30.37 25.84 4.52
C ASP A 277 29.56 24.71 3.90
N TYR A 278 28.73 24.04 4.69
CA TYR A 278 27.84 22.99 4.19
C TYR A 278 26.44 23.49 3.90
N PHE A 279 25.91 24.40 4.73
CA PHE A 279 24.60 25.00 4.53
C PHE A 279 24.75 26.51 4.54
N PRO A 280 24.88 27.14 3.37
CA PRO A 280 25.05 28.60 3.33
C PRO A 280 23.88 29.36 3.92
N GLU A 281 22.66 28.83 3.84
CA GLU A 281 21.49 29.50 4.39
C GLU A 281 21.49 29.55 5.91
N PHE A 282 22.38 28.81 6.58
CA PHE A 282 22.44 28.86 8.03
C PHE A 282 22.87 30.22 8.54
N ALA A 283 23.61 30.98 7.72
CA ALA A 283 24.06 32.30 8.15
C ALA A 283 22.87 33.23 8.35
N ARG A 284 21.88 33.17 7.48
CA ARG A 284 20.68 34.00 7.59
C ARG A 284 19.61 33.37 8.47
N TYR A 285 19.85 32.17 9.00
CA TYR A 285 18.86 31.51 9.83
C TYR A 285 18.72 32.21 11.18
N THR A 286 17.50 32.16 11.71
CA THR A 286 17.19 32.75 13.02
C THR A 286 16.45 31.71 13.86
N THR A 287 16.75 31.68 15.14
CA THR A 287 16.11 30.73 16.04
C THR A 287 14.61 31.02 16.13
N PRO A 288 13.75 30.03 15.93
CA PRO A 288 12.31 30.29 15.98
C PRO A 288 11.86 30.70 17.38
N GLU A 289 10.80 31.50 17.43
CA GLU A 289 10.23 31.92 18.71
C GLU A 289 9.65 30.72 19.45
N ASP A 290 9.03 29.79 18.73
CA ASP A 290 8.42 28.62 19.36
C ASP A 290 9.44 27.65 19.93
N ALA A 291 10.72 27.83 19.63
CA ALA A 291 11.75 26.95 20.17
C ALA A 291 11.85 27.11 21.68
N THR A 292 12.08 26.00 22.38
CA THR A 292 12.18 25.95 23.83
C THR A 292 13.52 25.35 24.21
N PRO A 293 14.58 26.15 24.29
CA PRO A 293 15.88 25.62 24.71
C PRO A 293 15.84 25.09 26.13
N GLU A 294 16.59 24.01 26.36
CA GLU A 294 16.64 23.39 27.67
C GLU A 294 17.74 24.00 28.54
N GLU A 297 23.03 25.74 28.48
CA GLU A 297 22.91 25.62 27.04
C GLU A 297 23.04 26.98 26.37
N ASP A 298 24.16 27.19 25.68
CA ASP A 298 24.40 28.45 24.99
C ASP A 298 23.51 28.55 23.75
N PRO A 299 23.24 29.77 23.29
CA PRO A 299 22.38 29.94 22.11
C PRO A 299 22.92 29.27 20.85
N ARG A 300 24.23 29.02 20.78
CA ARG A 300 24.82 28.47 19.57
C ARG A 300 24.30 27.06 19.26
N VAL A 301 24.25 26.20 20.28
CA VAL A 301 23.87 24.82 20.04
C VAL A 301 22.38 24.70 19.69
N THR A 302 21.53 25.46 20.38
CA THR A 302 20.10 25.38 20.11
C THR A 302 19.75 25.98 18.76
N ARG A 303 20.47 27.03 18.34
CA ARG A 303 20.24 27.61 17.02
C ARG A 303 20.55 26.62 15.91
N ALA A 304 21.66 25.89 16.03
CA ALA A 304 22.02 24.92 15.01
C ALA A 304 21.17 23.66 15.10
N LYS A 305 20.87 23.21 16.33
CA LYS A 305 20.10 21.99 16.51
C LYS A 305 18.66 22.18 16.06
N TYR A 306 18.09 23.37 16.26
CA TYR A 306 16.77 23.68 15.71
C TYR A 306 16.82 23.99 14.22
N PHE A 307 17.98 24.43 13.72
CA PHE A 307 18.11 24.66 12.28
C PHE A 307 17.97 23.36 11.50
N ILE A 308 18.55 22.27 12.01
CA ILE A 308 18.37 20.96 11.38
C ILE A 308 16.91 20.53 11.48
N ARG A 309 16.28 20.81 12.62
CA ARG A 309 14.86 20.50 12.78
C ARG A 309 14.02 21.28 11.78
N ASP A 310 14.34 22.55 11.56
CA ASP A 310 13.61 23.36 10.58
C ASP A 310 13.80 22.80 9.17
N GLU A 311 15.00 22.32 8.86
CA GLU A 311 15.25 21.74 7.54
C GLU A 311 14.39 20.50 7.32
N PHE A 312 14.27 19.64 8.32
CA PHE A 312 13.45 18.45 8.18
C PHE A 312 11.98 18.78 8.12
N LEU A 313 11.52 19.76 8.90
CA LEU A 313 10.12 20.15 8.86
C LEU A 313 9.73 20.73 7.51
N ARG A 314 10.60 21.56 6.92
CA ARG A 314 10.27 22.19 5.65
C ARG A 314 10.24 21.17 4.51
N ILE A 315 11.07 20.13 4.60
CA ILE A 315 11.06 19.10 3.58
C ILE A 315 9.80 18.27 3.67
N SER A 316 9.37 17.93 4.90
CA SER A 316 8.16 17.14 5.07
C SER A 316 6.93 17.89 4.58
N THR A 317 6.85 19.18 4.85
CA THR A 317 5.69 20.00 4.47
C THR A 317 5.85 20.64 3.09
N ALA A 318 6.97 20.40 2.40
CA ALA A 318 7.15 20.96 1.07
C ALA A 318 6.13 20.41 0.09
N SER A 319 5.87 19.10 0.14
CA SER A 319 4.92 18.46 -0.76
C SER A 319 3.94 17.54 -0.05
N GLY A 320 4.21 17.12 1.18
CA GLY A 320 3.30 16.23 1.86
C GLY A 320 2.04 16.95 2.31
N ASP A 321 0.90 16.27 2.16
CA ASP A 321 -0.39 16.81 2.56
C ASP A 321 -0.68 16.40 4.00
N GLY A 322 -1.93 16.58 4.43
CA GLY A 322 -2.35 16.24 5.77
C GLY A 322 -2.56 14.78 6.04
N ARG A 323 -2.26 13.91 5.07
CA ARG A 323 -2.40 12.48 5.29
C ARG A 323 -1.45 11.98 6.37
N HIS A 324 -0.21 12.46 6.36
CA HIS A 324 0.78 12.06 7.34
C HIS A 324 1.61 13.27 7.76
N TYR A 325 2.18 13.18 8.95
CA TYR A 325 2.98 14.25 9.52
C TYR A 325 4.27 13.69 10.09
N CYS A 326 5.28 14.55 10.19
CA CYS A 326 6.59 14.19 10.72
C CYS A 326 6.70 14.66 12.16
N TYR A 327 7.12 13.75 13.04
CA TYR A 327 7.30 14.06 14.46
C TYR A 327 8.78 14.07 14.81
N PRO A 328 9.39 15.24 14.98
CA PRO A 328 10.83 15.27 15.31
C PRO A 328 11.07 15.24 16.81
N HIS A 329 12.09 14.47 17.20
CA HIS A 329 12.45 14.33 18.60
C HIS A 329 13.97 14.44 18.73
N PHE A 330 14.40 14.80 19.94
CA PHE A 330 15.81 14.97 20.25
C PHE A 330 16.29 13.74 21.01
N THR A 331 17.24 13.01 20.43
CA THR A 331 17.66 11.72 20.95
C THR A 331 19.15 11.75 21.27
N CYS A 332 19.51 11.10 22.38
CA CYS A 332 20.90 10.94 22.80
C CYS A 332 21.24 9.46 22.85
N SER A 333 22.47 9.16 23.28
CA SER A 333 22.95 7.80 23.39
C SER A 333 22.69 7.17 24.75
N VAL A 334 22.13 7.92 25.69
CA VAL A 334 21.88 7.43 27.04
C VAL A 334 20.44 7.65 27.49
N ASP A 335 19.59 8.25 26.66
CA ASP A 335 18.22 8.50 27.05
C ASP A 335 17.42 7.21 27.14
N THR A 336 16.49 7.16 28.09
CA THR A 336 15.64 5.99 28.32
C THR A 336 14.18 6.28 28.03
N GLU A 337 13.85 7.48 27.55
CA GLU A 337 12.47 7.87 27.27
C GLU A 337 12.09 7.69 25.82
N ASN A 338 12.94 7.06 25.00
CA ASN A 338 12.64 6.89 23.59
C ASN A 338 11.39 6.05 23.37
N ALA A 339 11.18 5.03 24.21
CA ALA A 339 9.99 4.21 24.10
C ALA A 339 8.72 5.03 24.37
N ARG A 340 8.78 5.94 25.34
CA ARG A 340 7.62 6.77 25.65
C ARG A 340 7.25 7.67 24.47
N ARG A 341 8.26 8.26 23.82
CA ARG A 341 7.98 9.13 22.67
C ARG A 341 7.35 8.35 21.53
N ILE A 342 7.83 7.12 21.29
CA ILE A 342 7.25 6.29 20.23
C ILE A 342 5.79 5.97 20.55
N PHE A 343 5.51 5.62 21.80
CA PHE A 343 4.13 5.33 22.21
C PHE A 343 3.25 6.56 22.07
N ASN A 344 3.76 7.72 22.47
CA ASN A 344 2.98 8.95 22.35
C ASN A 344 2.70 9.30 20.90
N ASP A 345 3.72 9.18 20.04
CA ASP A 345 3.52 9.48 18.61
C ASP A 345 2.56 8.48 17.97
N CYS A 346 2.71 7.19 18.31
CA CYS A 346 1.82 6.18 17.73
C CYS A 346 0.38 6.41 18.16
N ARG A 347 0.17 6.82 19.42
CA ARG A 347 -1.18 7.14 19.87
C ARG A 347 -1.74 8.32 19.09
N ASP A 348 -0.93 9.34 18.84
CA ASP A 348 -1.39 10.49 18.06
C ASP A 348 -1.73 10.09 16.63
N ILE A 349 -0.92 9.21 16.04
CA ILE A 349 -1.18 8.74 14.68
C ILE A 349 -2.51 7.99 14.62
N ILE A 350 -2.75 7.12 15.61
CA ILE A 350 -4.00 6.36 15.65
C ILE A 350 -5.19 7.31 15.83
N GLN A 351 -5.05 8.30 16.72
CA GLN A 351 -6.13 9.25 16.94
C GLN A 351 -6.42 10.05 15.69
N ARG A 352 -5.37 10.52 14.99
CA ARG A 352 -5.58 11.29 13.78
C ARG A 352 -6.19 10.44 12.67
N MET A 353 -5.77 9.17 12.57
CA MET A 353 -6.32 8.29 11.55
C MET A 353 -7.79 8.00 11.82
N HIS A 354 -8.16 7.84 13.09
CA HIS A 354 -9.57 7.71 13.44
C HIS A 354 -10.36 8.96 13.07
N LEU A 355 -9.79 10.14 13.33
CA LEU A 355 -10.46 11.38 12.96
C LEU A 355 -10.58 11.52 11.45
N ARG A 356 -9.57 11.05 10.71
CA ARG A 356 -9.63 11.09 9.25
C ARG A 356 -10.76 10.21 8.73
N GLN A 357 -10.96 9.04 9.34
CA GLN A 357 -12.08 8.18 8.95
C GLN A 357 -13.41 8.88 9.21
N TYR A 358 -13.51 9.59 10.34
CA TYR A 358 -14.70 10.38 10.66
C TYR A 358 -14.77 11.67 9.86
N GLU A 359 -13.72 12.02 9.12
CA GLU A 359 -13.65 13.24 8.32
C GLU A 359 -13.72 14.49 9.18
N LEU A 360 -13.43 14.37 10.48
CA LEU A 360 -13.46 15.53 11.37
C LEU A 360 -12.23 16.40 11.19
N LEU A 361 -11.08 15.79 10.91
CA LEU A 361 -9.84 16.55 10.74
C LEU A 361 -9.43 16.57 9.27
N GLU B 7 43.68 -0.74 -19.01
CA GLU B 7 43.29 -2.11 -18.70
C GLU B 7 41.79 -2.30 -18.90
N LEU B 8 41.00 -1.50 -18.17
CA LEU B 8 39.54 -1.60 -18.28
C LEU B 8 39.01 -1.00 -19.58
N ASP B 9 39.79 -0.10 -20.22
CA ASP B 9 39.33 0.53 -21.45
C ASP B 9 39.17 -0.50 -22.56
N GLN B 10 40.13 -1.41 -22.71
CA GLN B 10 40.03 -2.43 -23.75
C GLN B 10 38.86 -3.36 -23.49
N LEU B 11 38.65 -3.75 -22.23
CA LEU B 11 37.52 -4.62 -21.90
C LEU B 11 36.19 -3.92 -22.19
N ARG B 12 36.09 -2.64 -21.83
CA ARG B 12 34.86 -1.90 -22.11
C ARG B 12 34.62 -1.76 -23.60
N GLN B 13 35.68 -1.51 -24.38
CA GLN B 13 35.53 -1.43 -25.83
C GLN B 13 35.09 -2.75 -26.42
N GLU B 14 35.66 -3.87 -25.94
CA GLU B 14 35.26 -5.18 -26.42
C GLU B 14 33.80 -5.47 -26.07
N ALA B 15 33.38 -5.11 -24.86
CA ALA B 15 31.99 -5.31 -24.47
C ALA B 15 31.05 -4.48 -25.33
N GLU B 16 31.42 -3.23 -25.61
CA GLU B 16 30.59 -2.39 -26.47
C GLU B 16 30.50 -2.96 -27.88
N GLN B 17 31.63 -3.46 -28.41
CA GLN B 17 31.61 -4.05 -29.74
C GLN B 17 30.72 -5.30 -29.77
N LEU B 18 30.81 -6.13 -28.72
CA LEU B 18 29.96 -7.32 -28.66
C LEU B 18 28.49 -6.94 -28.58
N LYS B 19 28.16 -5.92 -27.79
CA LYS B 19 26.78 -5.47 -27.69
C LYS B 19 26.28 -4.94 -29.04
N ASN B 20 27.13 -4.18 -29.74
CA ASN B 20 26.74 -3.68 -31.06
C ASN B 20 26.52 -4.82 -32.04
N GLN B 21 27.40 -5.83 -32.01
CA GLN B 21 27.23 -6.98 -32.89
C GLN B 21 25.93 -7.73 -32.58
N ILE B 22 25.63 -7.90 -31.29
CA ILE B 22 24.39 -8.57 -30.90
C ILE B 22 23.18 -7.78 -31.37
N ARG B 23 23.22 -6.46 -31.20
CA ARG B 23 22.11 -5.62 -31.65
C ARG B 23 21.93 -5.70 -33.17
N ASP B 24 23.04 -5.68 -33.91
CA ASP B 24 22.96 -5.78 -35.36
C ASP B 24 22.40 -7.13 -35.80
N ALA B 25 22.82 -8.21 -35.13
CA ALA B 25 22.29 -9.53 -35.45
C ALA B 25 20.80 -9.61 -35.15
N ARG B 26 20.36 -9.03 -34.03
CA ARG B 26 18.94 -9.02 -33.70
C ARG B 26 18.14 -8.21 -34.72
N LYS B 27 18.67 -7.06 -35.13
CA LYS B 27 17.97 -6.23 -36.11
C LYS B 27 17.88 -6.93 -37.47
N ALA B 28 18.96 -7.62 -37.87
CA ALA B 28 18.94 -8.31 -39.16
C ALA B 28 17.91 -9.43 -39.19
N CYS B 29 17.73 -10.13 -38.08
CA CYS B 29 16.77 -11.23 -38.01
C CYS B 29 15.33 -10.76 -38.01
N ALA B 30 15.08 -9.46 -37.87
CA ALA B 30 13.73 -8.92 -37.79
C ALA B 30 13.11 -8.94 -39.18
N ASP B 31 12.63 -10.11 -39.58
CA ASP B 31 11.96 -10.25 -40.87
C ASP B 31 10.67 -9.45 -40.91
N ALA B 32 9.89 -9.49 -39.84
CA ALA B 32 8.61 -8.79 -39.76
C ALA B 32 8.28 -8.58 -38.29
N THR B 33 7.04 -8.15 -38.03
CA THR B 33 6.57 -7.91 -36.67
C THR B 33 5.27 -8.67 -36.44
N LEU B 34 4.93 -8.85 -35.16
CA LEU B 34 3.75 -9.62 -34.81
C LEU B 34 2.46 -8.94 -35.24
N SER B 35 2.44 -7.60 -35.22
CA SER B 35 1.22 -6.88 -35.57
C SER B 35 0.84 -7.12 -37.03
N GLN B 36 1.82 -7.11 -37.94
CA GLN B 36 1.52 -7.30 -39.35
C GLN B 36 0.95 -8.69 -39.63
N ILE B 37 1.51 -9.72 -38.97
CA ILE B 37 1.05 -11.07 -39.23
C ILE B 37 -0.27 -11.34 -38.50
N THR B 38 -0.54 -10.64 -37.40
CA THR B 38 -1.77 -10.83 -36.66
C THR B 38 -2.90 -9.88 -37.08
N ASN B 39 -2.63 -8.97 -38.02
CA ASN B 39 -3.68 -8.07 -38.47
C ASN B 39 -4.85 -8.83 -39.10
N ASN B 40 -4.55 -9.86 -39.90
CA ASN B 40 -5.60 -10.64 -40.55
C ASN B 40 -6.05 -11.82 -39.69
N ILE B 41 -6.44 -11.52 -38.44
CA ILE B 41 -6.95 -12.53 -37.53
C ILE B 41 -8.20 -11.98 -36.84
N ASP B 42 -9.00 -12.89 -36.33
CA ASP B 42 -10.25 -12.51 -35.65
C ASP B 42 -9.93 -11.90 -34.29
N PRO B 43 -10.40 -10.69 -34.00
CA PRO B 43 -10.13 -10.09 -32.69
C PRO B 43 -10.83 -10.85 -31.57
N VAL B 44 -10.22 -10.82 -30.39
CA VAL B 44 -10.78 -11.53 -29.25
C VAL B 44 -12.08 -10.87 -28.78
N GLY B 45 -12.23 -9.56 -29.00
CA GLY B 45 -13.42 -8.87 -28.57
C GLY B 45 -13.46 -8.64 -27.07
N ARG B 46 -14.59 -8.11 -26.61
CA ARG B 46 -14.77 -7.87 -25.18
C ARG B 46 -14.91 -9.19 -24.44
N ILE B 47 -14.26 -9.27 -23.29
CA ILE B 47 -14.30 -10.46 -22.43
C ILE B 47 -14.84 -10.04 -21.07
N GLN B 48 -15.88 -10.74 -20.62
CA GLN B 48 -16.54 -10.43 -19.35
C GLN B 48 -16.08 -11.41 -18.28
N MET B 49 -15.60 -10.87 -17.16
CA MET B 49 -15.15 -11.67 -16.03
C MET B 49 -16.00 -11.32 -14.82
N ARG B 50 -16.54 -12.35 -14.16
CA ARG B 50 -17.39 -12.18 -12.99
C ARG B 50 -16.79 -12.93 -11.82
N THR B 51 -16.81 -12.28 -10.64
CA THR B 51 -16.26 -12.89 -9.43
C THR B 51 -17.16 -14.03 -8.99
N ARG B 52 -16.66 -15.26 -9.12
CA ARG B 52 -17.45 -16.42 -8.70
C ARG B 52 -17.28 -16.71 -7.22
N ARG B 53 -16.06 -16.67 -6.71
CA ARG B 53 -15.78 -16.90 -5.31
C ARG B 53 -14.94 -15.76 -4.75
N THR B 54 -15.19 -15.42 -3.49
CA THR B 54 -14.45 -14.36 -2.80
C THR B 54 -13.87 -14.96 -1.53
N LEU B 55 -12.58 -15.25 -1.56
CA LEU B 55 -11.89 -15.86 -0.42
C LEU B 55 -11.46 -14.75 0.53
N ARG B 56 -12.07 -14.72 1.71
CA ARG B 56 -11.77 -13.73 2.74
C ARG B 56 -11.30 -14.43 4.01
N GLY B 57 -10.49 -13.73 4.79
CA GLY B 57 -9.96 -14.27 6.02
C GLY B 57 -8.53 -13.83 6.29
N HIS B 58 -7.84 -13.38 5.25
CA HIS B 58 -6.49 -12.87 5.42
C HIS B 58 -6.53 -11.54 6.18
N LEU B 59 -5.52 -11.32 7.01
CA LEU B 59 -5.49 -10.11 7.83
C LEU B 59 -4.81 -8.96 7.10
N ALA B 60 -3.56 -9.15 6.68
CA ALA B 60 -2.80 -8.13 6.01
C ALA B 60 -2.90 -8.30 4.49
N LYS B 61 -2.07 -7.56 3.76
CA LYS B 61 -2.10 -7.63 2.28
C LYS B 61 -1.52 -8.97 1.81
N ILE B 62 -2.04 -9.48 0.69
CA ILE B 62 -1.52 -10.75 0.12
C ILE B 62 -0.38 -10.40 -0.83
N TYR B 63 0.73 -11.12 -0.77
CA TYR B 63 1.91 -10.76 -1.59
C TYR B 63 2.19 -11.88 -2.59
N ALA B 64 1.42 -12.96 -2.54
CA ALA B 64 1.73 -14.10 -3.44
C ALA B 64 0.68 -15.19 -3.35
N MET B 65 0.41 -15.86 -4.47
CA MET B 65 -0.48 -17.00 -4.46
C MET B 65 -0.07 -17.96 -5.56
N HIS B 66 -0.43 -19.23 -5.38
CA HIS B 66 -0.07 -20.26 -6.36
C HIS B 66 -1.18 -21.30 -6.42
N TRP B 67 -1.39 -21.85 -7.61
CA TRP B 67 -2.40 -22.88 -7.82
C TRP B 67 -1.78 -24.27 -7.73
N GLY B 68 -2.61 -25.23 -7.35
CA GLY B 68 -2.17 -26.61 -7.30
C GLY B 68 -2.29 -27.30 -8.64
N THR B 69 -1.77 -28.53 -8.69
CA THR B 69 -1.85 -29.33 -9.91
C THR B 69 -3.31 -29.67 -10.24
N ASP B 70 -4.10 -30.01 -9.22
CA ASP B 70 -5.49 -30.39 -9.43
C ASP B 70 -6.38 -29.22 -9.82
N SER B 71 -5.87 -27.98 -9.76
CA SER B 71 -6.62 -26.78 -10.10
C SER B 71 -7.84 -26.61 -9.19
N ARG B 72 -7.74 -27.09 -7.95
CA ARG B 72 -8.80 -26.97 -6.96
C ARG B 72 -8.32 -26.36 -5.66
N LEU B 73 -7.09 -26.67 -5.24
CA LEU B 73 -6.51 -26.14 -4.01
C LEU B 73 -5.46 -25.10 -4.36
N LEU B 74 -5.57 -23.92 -3.74
CA LEU B 74 -4.64 -22.84 -3.96
C LEU B 74 -4.09 -22.35 -2.62
N VAL B 75 -2.82 -21.95 -2.62
CA VAL B 75 -2.14 -21.46 -1.43
C VAL B 75 -1.93 -19.96 -1.56
N SER B 76 -2.27 -19.22 -0.52
CA SER B 76 -2.14 -17.77 -0.50
C SER B 76 -1.27 -17.34 0.67
N ALA B 77 -0.36 -16.40 0.42
CA ALA B 77 0.54 -15.89 1.43
C ALA B 77 0.26 -14.41 1.64
N SER B 78 0.13 -14.01 2.91
CA SER B 78 -0.15 -12.63 3.26
C SER B 78 0.88 -12.14 4.27
N GLN B 79 0.86 -10.84 4.54
CA GLN B 79 1.89 -10.21 5.36
C GLN B 79 1.62 -10.34 6.85
N ASP B 80 0.54 -10.99 7.27
CA ASP B 80 0.28 -11.24 8.68
C ASP B 80 0.95 -12.52 9.18
N GLY B 81 1.74 -13.18 8.34
CA GLY B 81 2.42 -14.39 8.75
C GLY B 81 1.58 -15.65 8.71
N LYS B 82 0.57 -15.69 7.85
CA LYS B 82 -0.32 -16.84 7.74
C LYS B 82 -0.33 -17.35 6.31
N LEU B 83 -0.19 -18.66 6.16
CA LEU B 83 -0.21 -19.35 4.87
C LEU B 83 -1.45 -20.21 4.83
N ILE B 84 -2.50 -19.73 4.16
CA ILE B 84 -3.80 -20.38 4.15
C ILE B 84 -3.99 -21.07 2.79
N ILE B 85 -4.35 -22.35 2.82
CA ILE B 85 -4.66 -23.11 1.62
C ILE B 85 -6.17 -23.14 1.47
N TRP B 86 -6.67 -22.71 0.31
CA TRP B 86 -8.09 -22.54 0.08
C TRP B 86 -8.61 -23.60 -0.88
N ASP B 87 -9.78 -24.16 -0.56
CA ASP B 87 -10.50 -25.03 -1.47
C ASP B 87 -11.37 -24.14 -2.34
N SER B 88 -10.92 -23.90 -3.57
CA SER B 88 -11.58 -22.93 -4.44
C SER B 88 -13.00 -23.36 -4.77
N TYR B 89 -13.28 -24.66 -4.82
CA TYR B 89 -14.60 -25.13 -5.19
C TYR B 89 -15.64 -24.78 -4.12
N THR B 90 -15.29 -24.96 -2.85
CA THR B 90 -16.24 -24.78 -1.75
C THR B 90 -15.82 -23.68 -0.78
N THR B 91 -14.79 -22.90 -1.11
CA THR B 91 -14.38 -21.71 -0.36
C THR B 91 -13.82 -22.07 1.01
N ASN B 92 -13.91 -23.35 1.39
CA ASN B 92 -13.42 -23.78 2.69
C ASN B 92 -11.90 -23.69 2.76
N LYS B 93 -11.40 -23.43 3.97
CA LYS B 93 -9.97 -23.33 4.23
C LYS B 93 -9.48 -24.67 4.77
N VAL B 94 -8.68 -25.38 3.97
CA VAL B 94 -8.23 -26.70 4.38
C VAL B 94 -7.03 -26.62 5.32
N HIS B 95 -6.25 -25.54 5.26
CA HIS B 95 -5.08 -25.40 6.12
C HIS B 95 -4.87 -23.93 6.43
N ALA B 96 -4.20 -23.67 7.57
CA ALA B 96 -3.80 -22.33 7.97
C ALA B 96 -2.44 -22.46 8.64
N ILE B 97 -1.38 -22.27 7.87
CA ILE B 97 -0.01 -22.48 8.34
C ILE B 97 0.50 -21.14 8.88
N PRO B 98 0.81 -21.04 10.17
CA PRO B 98 1.41 -19.80 10.69
C PRO B 98 2.88 -19.73 10.37
N LEU B 99 3.32 -18.59 9.84
CA LEU B 99 4.70 -18.40 9.43
C LEU B 99 5.50 -17.78 10.58
N ARG B 100 6.77 -18.18 10.69
CA ARG B 100 7.63 -17.63 11.73
C ARG B 100 7.86 -16.14 11.53
N SER B 101 8.07 -15.71 10.29
CA SER B 101 8.25 -14.31 9.95
C SER B 101 7.04 -13.82 9.16
N SER B 102 6.48 -12.68 9.59
CA SER B 102 5.27 -12.17 8.94
C SER B 102 5.57 -11.56 7.58
N TRP B 103 6.80 -11.10 7.36
CA TRP B 103 7.19 -10.43 6.12
C TRP B 103 7.52 -11.47 5.06
N VAL B 104 6.48 -12.12 4.56
CA VAL B 104 6.62 -13.08 3.48
C VAL B 104 6.37 -12.37 2.15
N MET B 105 7.00 -12.87 1.09
CA MET B 105 6.88 -12.28 -0.23
C MET B 105 6.56 -13.27 -1.35
N THR B 106 6.65 -14.57 -1.09
CA THR B 106 6.40 -15.56 -2.13
C THR B 106 5.89 -16.85 -1.49
N CYS B 107 5.22 -17.66 -2.32
CA CYS B 107 4.75 -18.97 -1.90
C CYS B 107 4.68 -19.86 -3.13
N ALA B 108 4.79 -21.17 -2.92
CA ALA B 108 4.79 -22.13 -4.00
C ALA B 108 4.10 -23.41 -3.56
N TYR B 109 3.40 -24.05 -4.50
CA TYR B 109 2.74 -25.33 -4.28
C TYR B 109 3.44 -26.39 -5.09
N ALA B 110 3.83 -27.48 -4.43
CA ALA B 110 4.52 -28.55 -5.13
C ALA B 110 3.58 -29.25 -6.11
N PRO B 111 4.10 -29.74 -7.23
CA PRO B 111 3.23 -30.46 -8.18
C PRO B 111 2.55 -31.67 -7.58
N SER B 112 3.22 -32.38 -6.67
CA SER B 112 2.58 -33.50 -5.98
C SER B 112 1.56 -33.05 -4.96
N GLY B 113 1.66 -31.82 -4.47
CA GLY B 113 0.73 -31.29 -3.49
C GLY B 113 1.07 -31.60 -2.05
N ASN B 114 2.13 -32.36 -1.80
CA ASN B 114 2.51 -32.72 -0.44
C ASN B 114 3.42 -31.70 0.23
N TYR B 115 3.91 -30.70 -0.51
CA TYR B 115 4.83 -29.71 0.04
C TYR B 115 4.39 -28.31 -0.38
N VAL B 116 4.67 -27.35 0.50
CA VAL B 116 4.42 -25.94 0.23
C VAL B 116 5.59 -25.14 0.78
N ALA B 117 6.03 -24.14 0.02
CA ALA B 117 7.20 -23.34 0.38
C ALA B 117 6.82 -21.87 0.42
N CYS B 118 7.57 -21.10 1.21
CA CYS B 118 7.35 -19.67 1.33
C CYS B 118 8.64 -19.01 1.79
N GLY B 119 8.70 -17.69 1.58
CA GLY B 119 9.87 -16.93 2.00
C GLY B 119 9.66 -15.45 1.80
N GLY B 120 10.53 -14.67 2.44
CA GLY B 120 10.43 -13.22 2.39
C GLY B 120 11.70 -12.52 2.81
N LEU B 121 11.57 -11.44 3.59
CA LEU B 121 12.71 -10.67 4.03
C LEU B 121 13.63 -11.45 4.98
N ASP B 122 13.17 -12.57 5.51
CA ASP B 122 13.97 -13.37 6.43
C ASP B 122 15.09 -14.15 5.72
N ASN B 123 15.10 -14.15 4.39
CA ASN B 123 16.06 -14.91 3.57
C ASN B 123 15.96 -16.41 3.82
N ILE B 124 14.84 -16.88 4.36
CA ILE B 124 14.65 -18.29 4.72
C ILE B 124 13.55 -18.86 3.84
N CYS B 125 13.87 -19.94 3.14
CA CYS B 125 12.88 -20.68 2.36
C CYS B 125 12.36 -21.83 3.21
N SER B 126 11.17 -21.65 3.78
CA SER B 126 10.58 -22.63 4.67
C SER B 126 9.68 -23.57 3.89
N ILE B 127 9.89 -24.87 4.06
CA ILE B 127 9.14 -25.91 3.38
C ILE B 127 8.30 -26.66 4.40
N TYR B 128 7.01 -26.79 4.13
CA TYR B 128 6.07 -27.43 5.03
C TYR B 128 5.56 -28.73 4.42
N ASN B 129 5.52 -29.79 5.23
CA ASN B 129 5.06 -31.10 4.79
C ASN B 129 3.57 -31.19 5.07
N LEU B 130 2.76 -30.95 4.03
CA LEU B 130 1.31 -31.01 4.19
C LEU B 130 0.84 -32.44 4.44
N LYS B 131 1.42 -33.41 3.75
CA LYS B 131 1.01 -34.81 3.87
C LYS B 131 1.72 -35.42 5.07
N THR B 132 1.09 -35.31 6.24
CA THR B 132 1.62 -35.86 7.47
C THR B 132 0.56 -36.71 8.15
N ARG B 133 1.03 -37.70 8.93
CA ARG B 133 0.10 -38.62 9.60
C ARG B 133 -0.66 -37.92 10.71
N GLU B 134 0.01 -37.07 11.49
CA GLU B 134 -0.62 -36.40 12.61
C GLU B 134 -1.63 -35.35 12.18
N GLY B 135 -1.56 -34.90 10.93
CA GLY B 135 -2.47 -33.87 10.45
C GLY B 135 -2.09 -32.45 10.77
N ASN B 136 -0.95 -32.25 11.42
CA ASN B 136 -0.47 -30.91 11.79
C ASN B 136 0.70 -30.53 10.89
N VAL B 137 0.61 -29.36 10.27
CA VAL B 137 1.66 -28.91 9.37
C VAL B 137 2.86 -28.45 10.17
N ARG B 138 4.04 -28.94 9.78
CA ARG B 138 5.29 -28.62 10.47
C ARG B 138 6.36 -28.27 9.43
N VAL B 139 7.37 -27.54 9.90
CA VAL B 139 8.46 -27.12 9.03
C VAL B 139 9.32 -28.34 8.69
N SER B 140 9.36 -28.69 7.40
CA SER B 140 10.20 -29.81 6.97
C SER B 140 11.67 -29.47 7.11
N ARG B 141 12.09 -28.30 6.59
CA ARG B 141 13.46 -27.85 6.69
C ARG B 141 13.49 -26.38 6.29
N GLU B 142 14.63 -25.73 6.56
CA GLU B 142 14.84 -24.33 6.25
C GLU B 142 16.12 -24.19 5.44
N LEU B 143 16.10 -23.29 4.46
CA LEU B 143 17.23 -23.04 3.58
C LEU B 143 17.78 -21.64 3.87
N ALA B 144 19.08 -21.57 4.16
CA ALA B 144 19.75 -20.31 4.51
C ALA B 144 21.04 -20.21 3.69
N GLY B 145 20.94 -19.63 2.50
CA GLY B 145 22.12 -19.43 1.68
C GLY B 145 22.12 -18.16 0.87
N HIS B 146 21.07 -17.34 1.03
CA HIS B 146 20.88 -16.14 0.23
C HIS B 146 20.98 -14.91 1.12
N THR B 147 21.85 -13.97 0.76
CA THR B 147 22.00 -12.75 1.54
C THR B 147 20.83 -11.80 1.30
N GLY B 148 20.38 -11.67 0.06
CA GLY B 148 19.28 -10.78 -0.26
C GLY B 148 17.93 -11.33 0.15
N TYR B 149 16.93 -10.46 0.12
CA TYR B 149 15.59 -10.84 0.52
C TYR B 149 15.00 -11.85 -0.46
N LEU B 150 14.32 -12.85 -0.06
CA LEU B 150 13.78 -13.87 -1.01
C LEU B 150 12.53 -13.28 -1.69
N SER B 151 12.46 -13.37 -3.01
CA SER B 151 11.36 -12.71 -3.76
C SER B 151 10.44 -13.75 -4.41
N CYS B 152 11.02 -14.86 -4.86
CA CYS B 152 10.24 -15.86 -5.57
C CYS B 152 10.85 -17.24 -5.34
N CYS B 153 10.01 -18.26 -5.45
CA CYS B 153 10.44 -19.64 -5.30
C CYS B 153 9.45 -20.55 -6.02
N ARG B 154 9.99 -21.55 -6.72
CA ARG B 154 9.17 -22.48 -7.47
C ARG B 154 9.69 -23.89 -7.27
N PHE B 155 8.80 -24.87 -7.44
CA PHE B 155 9.11 -26.27 -7.22
C PHE B 155 9.34 -26.98 -8.55
N LEU B 156 10.49 -27.62 -8.69
CA LEU B 156 10.72 -28.48 -9.85
C LEU B 156 10.05 -29.84 -9.65
N ASP B 157 10.26 -30.44 -8.47
CA ASP B 157 9.65 -31.70 -8.09
C ASP B 157 9.65 -31.78 -6.58
N ASP B 158 9.40 -32.98 -6.05
CA ASP B 158 9.38 -33.16 -4.60
C ASP B 158 10.76 -33.02 -3.96
N ASN B 159 11.83 -33.05 -4.77
CA ASN B 159 13.18 -33.03 -4.25
C ASN B 159 14.00 -31.80 -4.64
N GLN B 160 13.60 -31.05 -5.66
CA GLN B 160 14.35 -29.90 -6.13
C GLN B 160 13.47 -28.66 -6.12
N ILE B 161 14.04 -27.54 -5.69
CA ILE B 161 13.34 -26.26 -5.63
C ILE B 161 14.26 -25.17 -6.17
N VAL B 162 13.70 -24.32 -7.03
CA VAL B 162 14.42 -23.19 -7.62
C VAL B 162 14.05 -21.93 -6.84
N THR B 163 15.02 -21.14 -6.40
CA THR B 163 14.70 -19.94 -5.56
C THR B 163 15.30 -18.66 -6.16
N SER B 164 14.54 -17.57 -6.18
CA SER B 164 15.05 -16.25 -6.66
C SER B 164 15.21 -15.32 -5.47
N SER B 165 16.35 -14.64 -5.38
CA SER B 165 16.62 -13.76 -4.21
C SER B 165 16.90 -12.36 -4.70
N GLY B 166 16.88 -11.41 -3.77
CA GLY B 166 17.16 -10.04 -4.12
C GLY B 166 18.63 -9.66 -4.14
N ASP B 167 19.54 -10.62 -3.97
CA ASP B 167 20.97 -10.36 -4.01
C ASP B 167 21.57 -10.60 -5.39
N THR B 168 20.77 -10.39 -6.45
CA THR B 168 21.19 -10.55 -7.84
C THR B 168 21.64 -11.97 -8.15
N THR B 169 21.21 -12.96 -7.35
CA THR B 169 21.60 -14.34 -7.55
C THR B 169 20.37 -15.24 -7.49
N CYS B 170 20.44 -16.35 -8.22
CA CYS B 170 19.43 -17.40 -8.18
C CYS B 170 20.11 -18.71 -7.82
N ALA B 171 19.45 -19.51 -6.98
CA ALA B 171 20.02 -20.75 -6.49
C ALA B 171 19.01 -21.88 -6.62
N LEU B 172 19.53 -23.09 -6.83
CA LEU B 172 18.73 -24.30 -6.88
C LEU B 172 19.10 -25.18 -5.69
N TRP B 173 18.11 -25.57 -4.91
CA TRP B 173 18.31 -26.35 -3.70
C TRP B 173 17.75 -27.76 -3.86
N ASP B 174 18.15 -28.63 -2.94
CA ASP B 174 17.61 -29.97 -2.84
C ASP B 174 16.98 -30.20 -1.47
N ILE B 175 15.90 -30.98 -1.45
CA ILE B 175 15.17 -31.20 -0.21
C ILE B 175 15.96 -32.09 0.75
N GLU B 176 16.64 -33.10 0.21
CA GLU B 176 17.27 -34.12 1.04
C GLU B 176 18.34 -33.53 1.96
N THR B 177 19.20 -32.67 1.41
CA THR B 177 20.31 -32.13 2.17
C THR B 177 20.22 -30.63 2.44
N GLY B 178 19.35 -29.92 1.73
CA GLY B 178 19.22 -28.49 1.95
C GLY B 178 20.45 -27.69 1.57
N GLN B 179 21.07 -28.02 0.44
CA GLN B 179 22.26 -27.33 -0.03
C GLN B 179 22.05 -26.85 -1.45
N GLN B 180 22.76 -25.78 -1.81
CA GLN B 180 22.65 -25.20 -3.15
C GLN B 180 23.40 -26.08 -4.13
N THR B 181 22.66 -26.82 -4.96
CA THR B 181 23.30 -27.62 -6.00
C THR B 181 24.02 -26.73 -7.02
N THR B 182 23.39 -25.63 -7.42
CA THR B 182 23.99 -24.69 -8.34
C THR B 182 23.51 -23.29 -8.01
N THR B 183 24.30 -22.31 -8.43
CA THR B 183 24.00 -20.90 -8.20
C THR B 183 24.13 -20.14 -9.52
N PHE B 184 23.15 -19.28 -9.79
CA PHE B 184 23.11 -18.48 -11.01
C PHE B 184 23.45 -17.04 -10.65
N THR B 185 24.63 -16.59 -11.08
CA THR B 185 25.13 -15.25 -10.76
C THR B 185 25.40 -14.51 -12.08
N GLY B 186 24.36 -13.85 -12.60
CA GLY B 186 24.50 -13.11 -13.84
C GLY B 186 23.72 -11.82 -13.87
N HIS B 187 23.06 -11.48 -12.78
CA HIS B 187 22.23 -10.29 -12.69
C HIS B 187 22.94 -9.18 -11.93
N THR B 188 22.49 -7.94 -12.16
CA THR B 188 23.01 -6.77 -11.47
C THR B 188 21.98 -6.11 -10.56
N GLY B 189 20.72 -6.55 -10.61
CA GLY B 189 19.69 -5.98 -9.76
C GLY B 189 18.93 -7.07 -9.02
N ASP B 190 18.07 -6.63 -8.13
CA ASP B 190 17.24 -7.57 -7.36
C ASP B 190 16.39 -8.39 -8.29
N VAL B 191 16.43 -9.71 -8.14
CA VAL B 191 15.58 -10.59 -8.93
C VAL B 191 14.23 -10.72 -8.22
N MET B 192 13.15 -10.38 -8.94
CA MET B 192 11.83 -10.31 -8.33
C MET B 192 11.04 -11.60 -8.50
N SER B 193 10.94 -12.11 -9.72
CA SER B 193 10.13 -13.29 -9.99
C SER B 193 10.79 -14.14 -11.07
N LEU B 194 10.42 -15.42 -11.06
CA LEU B 194 10.95 -16.42 -12.03
C LEU B 194 9.83 -17.41 -12.34
N SER B 195 9.81 -17.98 -13.54
CA SER B 195 8.83 -18.98 -13.93
C SER B 195 9.54 -20.17 -14.56
N LEU B 196 9.09 -21.37 -14.22
CA LEU B 196 9.65 -22.59 -14.77
C LEU B 196 8.91 -22.97 -16.04
N ALA B 197 9.66 -23.30 -17.09
CA ALA B 197 9.05 -23.74 -18.33
C ALA B 197 8.40 -25.10 -18.16
N PRO B 198 7.37 -25.41 -18.95
CA PRO B 198 6.69 -26.71 -18.80
C PRO B 198 7.61 -27.90 -18.96
N ASP B 199 8.63 -27.81 -19.83
CA ASP B 199 9.55 -28.93 -20.00
C ASP B 199 10.45 -29.13 -18.80
N THR B 200 10.48 -28.17 -17.87
CA THR B 200 11.21 -28.26 -16.61
C THR B 200 12.73 -28.28 -16.84
N ARG B 201 13.15 -28.22 -18.10
CA ARG B 201 14.58 -28.25 -18.39
C ARG B 201 15.26 -26.93 -18.06
N LEU B 202 14.59 -25.81 -18.37
CA LEU B 202 15.16 -24.49 -18.17
C LEU B 202 14.09 -23.55 -17.62
N PHE B 203 14.54 -22.44 -17.03
CA PHE B 203 13.65 -21.44 -16.49
C PHE B 203 14.20 -20.06 -16.78
N VAL B 204 13.30 -19.07 -16.77
CA VAL B 204 13.65 -17.68 -17.04
C VAL B 204 13.32 -16.85 -15.82
N SER B 205 13.99 -15.71 -15.70
CA SER B 205 13.82 -14.83 -14.56
C SER B 205 14.08 -13.39 -14.97
N GLY B 206 13.55 -12.47 -14.19
CA GLY B 206 13.76 -11.05 -14.41
C GLY B 206 14.14 -10.36 -13.12
N ALA B 207 15.03 -9.38 -13.23
CA ALA B 207 15.59 -8.70 -12.07
C ALA B 207 15.33 -7.20 -12.18
N CYS B 208 15.86 -6.46 -11.20
CA CYS B 208 15.69 -5.01 -11.13
C CYS B 208 16.77 -4.28 -11.93
N ASP B 209 16.98 -4.72 -13.17
CA ASP B 209 17.97 -4.09 -14.04
C ASP B 209 17.44 -3.93 -15.46
N ALA B 210 16.11 -3.96 -15.65
CA ALA B 210 15.49 -3.83 -16.96
C ALA B 210 16.00 -4.90 -17.93
N SER B 211 16.20 -6.11 -17.41
CA SER B 211 16.72 -7.20 -18.22
C SER B 211 16.20 -8.52 -17.67
N ALA B 212 16.18 -9.53 -18.53
CA ALA B 212 15.77 -10.89 -18.17
C ALA B 212 16.81 -11.87 -18.69
N LYS B 213 17.04 -12.93 -17.92
CA LYS B 213 18.04 -13.93 -18.24
C LYS B 213 17.41 -15.31 -18.26
N LEU B 214 17.80 -16.13 -19.23
CA LEU B 214 17.35 -17.51 -19.35
C LEU B 214 18.43 -18.41 -18.78
N TRP B 215 18.05 -19.25 -17.81
CA TRP B 215 19.00 -20.09 -17.08
C TRP B 215 18.76 -21.56 -17.38
N ASP B 216 19.85 -22.32 -17.45
CA ASP B 216 19.80 -23.77 -17.61
C ASP B 216 19.99 -24.40 -16.24
N VAL B 217 19.02 -25.23 -15.83
CA VAL B 217 19.04 -25.79 -14.48
C VAL B 217 20.22 -26.75 -14.32
N ARG B 218 20.39 -27.68 -15.27
CA ARG B 218 21.41 -28.70 -15.12
C ARG B 218 22.81 -28.13 -15.32
N GLU B 219 23.00 -27.31 -16.37
CA GLU B 219 24.31 -26.78 -16.65
C GLU B 219 24.70 -25.68 -15.66
N GLY B 220 23.75 -24.79 -15.35
CA GLY B 220 24.00 -23.73 -14.40
C GLY B 220 24.48 -22.42 -14.98
N MET B 221 24.39 -22.23 -16.29
CA MET B 221 24.86 -21.02 -16.95
C MET B 221 23.74 -20.37 -17.73
N CYS B 222 23.82 -19.04 -17.86
CA CYS B 222 22.82 -18.29 -18.60
C CYS B 222 22.89 -18.62 -20.09
N ARG B 223 21.72 -18.67 -20.72
CA ARG B 223 21.63 -18.93 -22.15
C ARG B 223 21.58 -17.64 -22.96
N GLN B 224 20.56 -16.82 -22.73
CA GLN B 224 20.38 -15.57 -23.47
C GLN B 224 19.92 -14.48 -22.53
N THR B 225 20.15 -13.24 -22.93
CA THR B 225 19.69 -12.07 -22.20
C THR B 225 18.74 -11.26 -23.07
N PHE B 226 17.84 -10.53 -22.42
CA PHE B 226 16.83 -9.74 -23.11
C PHE B 226 16.78 -8.34 -22.52
N THR B 227 16.67 -7.34 -23.39
CA THR B 227 16.59 -5.95 -23.00
C THR B 227 15.46 -5.27 -23.77
N GLY B 228 15.14 -4.05 -23.36
CA GLY B 228 14.09 -3.28 -24.00
C GLY B 228 13.20 -2.56 -23.02
N HIS B 229 13.06 -3.12 -21.82
CA HIS B 229 12.24 -2.49 -20.79
C HIS B 229 12.94 -1.26 -20.23
N GLU B 230 12.14 -0.27 -19.85
CA GLU B 230 12.66 1.01 -19.35
C GLU B 230 12.75 1.07 -17.83
N SER B 231 12.29 0.04 -17.13
CA SER B 231 12.29 0.07 -15.67
C SER B 231 12.54 -1.36 -15.16
N ASP B 232 12.46 -1.52 -13.84
CA ASP B 232 12.73 -2.81 -13.23
C ASP B 232 11.66 -3.82 -13.58
N ILE B 233 12.09 -5.05 -13.86
CA ILE B 233 11.16 -6.14 -14.16
C ILE B 233 10.54 -6.61 -12.84
N ASN B 234 9.21 -6.63 -12.79
CA ASN B 234 8.49 -6.99 -11.57
C ASN B 234 7.98 -8.42 -11.59
N ALA B 235 7.34 -8.84 -12.67
CA ALA B 235 6.78 -10.18 -12.76
C ALA B 235 7.13 -10.79 -14.11
N ILE B 236 7.27 -12.11 -14.14
CA ILE B 236 7.60 -12.84 -15.41
C ILE B 236 6.80 -14.15 -15.43
N CYS B 237 6.36 -14.58 -16.61
CA CYS B 237 5.61 -15.85 -16.75
C CYS B 237 6.07 -16.54 -18.02
N PHE B 238 5.91 -17.86 -18.11
CA PHE B 238 6.28 -18.59 -19.34
C PHE B 238 5.01 -18.87 -20.16
N PHE B 239 5.04 -18.59 -21.45
CA PHE B 239 3.90 -18.91 -22.34
C PHE B 239 3.76 -20.43 -22.37
N PRO B 240 2.55 -21.00 -22.51
CA PRO B 240 2.36 -22.44 -22.45
C PRO B 240 3.39 -23.26 -23.24
N ASN B 241 3.65 -22.90 -24.50
CA ASN B 241 4.56 -23.71 -25.36
C ASN B 241 5.96 -23.72 -24.77
N GLY B 242 6.17 -23.03 -23.65
CA GLY B 242 7.52 -22.94 -23.12
C GLY B 242 8.54 -22.31 -24.04
N ASN B 243 8.14 -21.85 -25.23
CA ASN B 243 9.06 -21.25 -26.18
C ASN B 243 9.10 -19.74 -26.11
N ALA B 244 8.36 -19.13 -25.18
CA ALA B 244 8.30 -17.68 -25.06
C ALA B 244 7.91 -17.33 -23.63
N PHE B 245 8.12 -16.06 -23.27
CA PHE B 245 7.74 -15.57 -21.96
C PHE B 245 7.39 -14.09 -22.05
N ALA B 246 6.64 -13.62 -21.06
CA ALA B 246 6.19 -12.23 -21.00
C ALA B 246 6.75 -11.57 -19.75
N THR B 247 6.99 -10.27 -19.86
CA THR B 247 7.59 -9.50 -18.78
C THR B 247 6.75 -8.26 -18.48
N GLY B 248 6.75 -7.87 -17.21
CA GLY B 248 6.10 -6.65 -16.80
C GLY B 248 7.02 -5.81 -15.93
N SER B 249 6.87 -4.50 -16.05
CA SER B 249 7.77 -3.57 -15.37
C SER B 249 6.94 -2.42 -14.81
N ASP B 250 7.63 -1.43 -14.23
CA ASP B 250 7.01 -0.28 -13.63
C ASP B 250 6.69 0.83 -14.62
N ASP B 251 7.06 0.66 -15.89
CA ASP B 251 6.79 1.65 -16.93
C ASP B 251 5.41 1.47 -17.55
N ALA B 252 4.50 0.77 -16.88
CA ALA B 252 3.15 0.52 -17.37
C ALA B 252 3.16 -0.11 -18.75
N THR B 253 4.08 -1.05 -18.97
CA THR B 253 4.24 -1.68 -20.26
C THR B 253 4.60 -3.14 -20.07
N CYS B 254 3.93 -4.02 -20.81
CA CYS B 254 4.24 -5.44 -20.84
C CYS B 254 4.87 -5.79 -22.18
N ARG B 255 6.01 -6.47 -22.14
CA ARG B 255 6.69 -6.93 -23.33
C ARG B 255 6.68 -8.44 -23.41
N LEU B 256 6.68 -8.96 -24.63
CA LEU B 256 6.73 -10.39 -24.90
C LEU B 256 8.05 -10.73 -25.57
N PHE B 257 8.75 -11.73 -25.03
CA PHE B 257 10.04 -12.15 -25.54
C PHE B 257 9.96 -13.60 -26.01
N ASP B 258 10.77 -13.93 -27.01
CA ASP B 258 10.83 -15.26 -27.59
C ASP B 258 12.25 -15.81 -27.45
N LEU B 259 12.35 -17.10 -27.10
CA LEU B 259 13.65 -17.72 -26.87
C LEU B 259 14.45 -17.87 -28.17
N ARG B 260 13.80 -17.91 -29.32
CA ARG B 260 14.47 -18.08 -30.59
C ARG B 260 14.81 -16.76 -31.29
N ALA B 261 13.90 -15.78 -31.22
CA ALA B 261 14.17 -14.49 -31.85
C ALA B 261 15.18 -13.68 -31.07
N ASP B 262 15.26 -13.89 -29.76
CA ASP B 262 16.18 -13.16 -28.87
C ASP B 262 15.91 -11.65 -28.89
N GLN B 263 14.65 -11.27 -29.07
CA GLN B 263 14.26 -9.87 -29.03
C GLN B 263 12.77 -9.79 -28.70
N GLU B 264 12.34 -8.58 -28.36
CA GLU B 264 10.94 -8.37 -27.99
C GLU B 264 10.02 -8.66 -29.18
N LEU B 265 8.85 -9.22 -28.89
CA LEU B 265 7.88 -9.58 -29.91
C LEU B 265 6.82 -8.50 -30.09
N MET B 266 6.12 -8.14 -29.01
CA MET B 266 5.07 -7.14 -29.08
C MET B 266 4.96 -6.45 -27.74
N THR B 267 4.74 -5.13 -27.78
CA THR B 267 4.64 -4.32 -26.57
C THR B 267 3.17 -4.04 -26.27
N TYR B 268 2.75 -4.39 -25.05
CA TYR B 268 1.38 -4.14 -24.59
C TYR B 268 1.40 -2.94 -23.67
N SER B 269 0.82 -1.83 -24.13
CA SER B 269 0.81 -0.60 -23.35
C SER B 269 -0.36 0.27 -23.79
N HIS B 270 -0.72 1.21 -22.92
CA HIS B 270 -1.78 2.17 -23.20
C HIS B 270 -1.36 3.53 -22.66
N ASP B 271 -1.82 4.59 -23.32
CA ASP B 271 -1.51 5.94 -22.88
C ASP B 271 -2.16 6.24 -21.53
N ASN B 272 -3.40 5.79 -21.33
CA ASN B 272 -4.10 6.03 -20.08
C ASN B 272 -3.42 5.33 -18.90
N ILE B 273 -2.93 4.11 -19.12
CA ILE B 273 -2.32 3.33 -18.05
C ILE B 273 -0.94 3.90 -17.74
N ILE B 274 -0.73 4.29 -16.48
CA ILE B 274 0.56 4.79 -16.03
C ILE B 274 1.07 4.06 -14.80
N CYS B 275 0.36 3.04 -14.31
CA CYS B 275 0.77 2.31 -13.13
C CYS B 275 1.58 1.08 -13.52
N GLY B 276 2.50 0.70 -12.63
CA GLY B 276 3.40 -0.40 -12.90
C GLY B 276 2.71 -1.75 -12.81
N ILE B 277 3.47 -2.78 -13.17
CA ILE B 277 3.00 -4.16 -13.17
C ILE B 277 3.40 -4.82 -11.87
N THR B 278 2.51 -5.64 -11.31
CA THR B 278 2.82 -6.42 -10.12
C THR B 278 2.78 -7.92 -10.36
N SER B 279 1.90 -8.41 -11.23
CA SER B 279 1.81 -9.83 -11.52
C SER B 279 1.44 -10.01 -12.98
N VAL B 280 1.78 -11.17 -13.53
CA VAL B 280 1.48 -11.49 -14.93
C VAL B 280 1.40 -13.00 -15.06
N SER B 281 0.51 -13.46 -15.92
CA SER B 281 0.36 -14.89 -16.18
C SER B 281 -0.37 -15.07 -17.51
N PHE B 282 -0.26 -16.28 -18.06
CA PHE B 282 -0.88 -16.63 -19.32
C PHE B 282 -1.96 -17.68 -19.10
N SER B 283 -2.89 -17.76 -20.05
CA SER B 283 -3.98 -18.72 -19.98
C SER B 283 -3.50 -20.07 -20.54
N LYS B 284 -4.43 -21.02 -20.67
CA LYS B 284 -4.08 -22.34 -21.18
C LYS B 284 -3.63 -22.27 -22.62
N SER B 285 -4.40 -21.58 -23.47
CA SER B 285 -4.04 -21.45 -24.87
C SER B 285 -2.98 -20.39 -25.11
N GLY B 286 -2.78 -19.48 -24.17
CA GLY B 286 -1.84 -18.39 -24.33
C GLY B 286 -2.38 -17.18 -25.03
N ARG B 287 -3.61 -17.22 -25.54
CA ARG B 287 -4.19 -16.06 -26.21
C ARG B 287 -4.48 -14.94 -25.23
N LEU B 288 -4.89 -15.29 -24.01
CA LEU B 288 -5.25 -14.32 -22.99
C LEU B 288 -4.05 -14.08 -22.08
N LEU B 289 -3.63 -12.83 -21.97
CA LEU B 289 -2.53 -12.43 -21.09
C LEU B 289 -3.11 -11.55 -19.99
N LEU B 290 -3.04 -12.02 -18.75
CA LEU B 290 -3.53 -11.30 -17.60
C LEU B 290 -2.35 -10.70 -16.84
N ALA B 291 -2.37 -9.39 -16.64
CA ALA B 291 -1.29 -8.68 -15.99
C ALA B 291 -1.83 -7.82 -14.85
N GLY B 292 -1.11 -7.82 -13.72
CA GLY B 292 -1.50 -6.99 -12.61
C GLY B 292 -1.15 -5.53 -12.82
N TYR B 293 -1.74 -4.67 -12.00
CA TYR B 293 -1.57 -3.23 -12.11
C TYR B 293 -1.73 -2.59 -10.75
N ASP B 294 -1.23 -1.38 -10.62
CA ASP B 294 -1.31 -0.62 -9.37
C ASP B 294 -2.53 0.30 -9.31
N ASP B 295 -3.37 0.32 -10.34
CA ASP B 295 -4.58 1.13 -10.34
C ASP B 295 -5.80 0.35 -9.88
N PHE B 296 -5.61 -0.64 -9.00
CA PHE B 296 -6.67 -1.39 -8.33
C PHE B 296 -7.48 -2.28 -9.27
N ASN B 297 -6.92 -2.66 -10.41
CA ASN B 297 -7.62 -3.56 -11.31
C ASN B 297 -6.62 -4.31 -12.19
N CYS B 298 -7.09 -5.39 -12.80
CA CYS B 298 -6.30 -6.20 -13.71
C CYS B 298 -6.91 -6.13 -15.10
N ASN B 299 -6.06 -5.97 -16.11
CA ASN B 299 -6.48 -5.86 -17.50
C ASN B 299 -6.09 -7.13 -18.25
N VAL B 300 -7.05 -7.70 -18.98
CA VAL B 300 -6.80 -8.86 -19.81
C VAL B 300 -6.29 -8.39 -21.16
N TRP B 301 -5.09 -8.84 -21.53
CA TRP B 301 -4.42 -8.40 -22.74
C TRP B 301 -4.41 -9.53 -23.77
N ASP B 302 -4.72 -9.18 -25.02
CA ASP B 302 -4.60 -10.12 -26.11
C ASP B 302 -3.13 -10.28 -26.48
N ALA B 303 -2.63 -11.51 -26.40
CA ALA B 303 -1.21 -11.76 -26.66
C ALA B 303 -0.84 -11.51 -28.12
N LEU B 304 -1.81 -11.55 -29.03
CA LEU B 304 -1.54 -11.37 -30.46
C LEU B 304 -1.93 -9.98 -30.95
N LYS B 305 -3.16 -9.54 -30.68
CA LYS B 305 -3.66 -8.26 -31.16
C LYS B 305 -3.25 -7.09 -30.28
N ALA B 306 -2.73 -7.34 -29.08
CA ALA B 306 -2.34 -6.30 -28.13
C ALA B 306 -3.50 -5.36 -27.83
N ASP B 307 -4.60 -5.95 -27.37
CA ASP B 307 -5.81 -5.20 -27.04
C ASP B 307 -6.30 -5.61 -25.66
N ARG B 308 -6.94 -4.68 -24.97
CA ARG B 308 -7.47 -4.92 -23.64
C ARG B 308 -8.80 -5.64 -23.77
N ALA B 309 -8.78 -6.96 -23.57
CA ALA B 309 -10.01 -7.74 -23.70
C ALA B 309 -11.00 -7.39 -22.60
N GLY B 310 -10.51 -7.18 -21.36
CA GLY B 310 -11.39 -6.86 -20.26
C GLY B 310 -10.61 -6.32 -19.09
N VAL B 311 -11.35 -5.79 -18.12
CA VAL B 311 -10.78 -5.19 -16.92
C VAL B 311 -11.38 -5.88 -15.70
N LEU B 312 -10.52 -6.29 -14.78
CA LEU B 312 -10.94 -6.95 -13.54
C LEU B 312 -10.89 -5.92 -12.42
N ALA B 313 -11.97 -5.15 -12.31
CA ALA B 313 -12.05 -4.01 -11.39
C ALA B 313 -12.81 -4.35 -10.12
N GLY B 314 -12.68 -5.58 -9.63
CA GLY B 314 -13.37 -5.99 -8.42
C GLY B 314 -12.51 -5.94 -7.18
N HIS B 315 -11.39 -5.22 -7.25
CA HIS B 315 -10.45 -5.12 -6.15
C HIS B 315 -10.35 -3.68 -5.67
N ASP B 316 -10.26 -3.50 -4.35
CA ASP B 316 -10.17 -2.17 -3.77
C ASP B 316 -8.74 -1.64 -3.82
N ASN B 317 -7.79 -2.43 -3.34
CA ASN B 317 -6.38 -2.05 -3.35
C ASN B 317 -5.69 -2.64 -4.56
N ARG B 318 -4.41 -2.30 -4.73
CA ARG B 318 -3.67 -2.75 -5.90
C ARG B 318 -3.44 -4.25 -5.85
N VAL B 319 -3.50 -4.89 -7.01
CA VAL B 319 -3.34 -6.34 -7.09
C VAL B 319 -1.85 -6.67 -7.10
N SER B 320 -1.47 -7.66 -6.31
CA SER B 320 -0.08 -8.08 -6.21
C SER B 320 0.21 -9.43 -6.83
N CYS B 321 -0.77 -10.32 -6.88
CA CYS B 321 -0.57 -11.66 -7.42
C CYS B 321 -1.79 -12.08 -8.21
N LEU B 322 -1.55 -12.90 -9.23
CA LEU B 322 -2.64 -13.50 -10.00
C LEU B 322 -2.13 -14.78 -10.63
N GLY B 323 -2.99 -15.80 -10.66
CA GLY B 323 -2.61 -17.09 -11.19
C GLY B 323 -3.77 -17.75 -11.91
N VAL B 324 -3.42 -18.54 -12.92
CA VAL B 324 -4.39 -19.26 -13.75
C VAL B 324 -4.22 -20.75 -13.51
N THR B 325 -5.35 -21.46 -13.43
CA THR B 325 -5.32 -22.89 -13.17
C THR B 325 -4.61 -23.63 -14.30
N ASP B 326 -4.23 -24.88 -14.02
CA ASP B 326 -3.54 -25.70 -15.01
C ASP B 326 -4.42 -25.95 -16.22
N ASP B 327 -5.71 -26.22 -15.99
CA ASP B 327 -6.66 -26.43 -17.08
C ASP B 327 -7.28 -25.12 -17.57
N GLY B 328 -6.93 -23.99 -16.97
CA GLY B 328 -7.50 -22.72 -17.38
C GLY B 328 -8.94 -22.52 -16.96
N MET B 329 -9.43 -23.32 -16.00
CA MET B 329 -10.83 -23.23 -15.61
C MET B 329 -11.16 -21.88 -14.97
N ALA B 330 -10.27 -21.36 -14.13
CA ALA B 330 -10.53 -20.11 -13.44
C ALA B 330 -9.22 -19.40 -13.15
N VAL B 331 -9.32 -18.11 -12.87
CA VAL B 331 -8.18 -17.27 -12.53
C VAL B 331 -8.41 -16.67 -11.15
N ALA B 332 -7.37 -16.67 -10.33
CA ALA B 332 -7.43 -16.11 -8.98
C ALA B 332 -6.46 -14.94 -8.90
N THR B 333 -6.98 -13.77 -8.53
CA THR B 333 -6.19 -12.54 -8.45
C THR B 333 -6.21 -12.03 -7.01
N GLY B 334 -5.07 -12.13 -6.33
CA GLY B 334 -4.93 -11.55 -5.01
C GLY B 334 -4.53 -10.09 -5.07
N SER B 335 -4.82 -9.37 -4.00
CA SER B 335 -4.55 -7.94 -3.94
C SER B 335 -4.16 -7.58 -2.51
N TRP B 336 -4.00 -6.27 -2.28
CA TRP B 336 -3.63 -5.76 -0.96
C TRP B 336 -4.83 -5.45 -0.09
N ASP B 337 -6.05 -5.76 -0.55
CA ASP B 337 -7.25 -5.60 0.24
C ASP B 337 -7.58 -6.83 1.09
N SER B 338 -6.67 -7.81 1.14
CA SER B 338 -6.85 -9.04 1.91
C SER B 338 -8.03 -9.86 1.40
N PHE B 339 -8.30 -9.80 0.09
CA PHE B 339 -9.35 -10.59 -0.53
C PHE B 339 -8.81 -11.27 -1.77
N LEU B 340 -9.31 -12.49 -2.03
CA LEU B 340 -8.98 -13.24 -3.22
C LEU B 340 -10.24 -13.39 -4.07
N LYS B 341 -10.14 -13.04 -5.35
CA LYS B 341 -11.27 -13.09 -6.27
C LYS B 341 -11.04 -14.16 -7.31
N ILE B 342 -12.06 -14.97 -7.57
CA ILE B 342 -12.03 -16.00 -8.60
C ILE B 342 -12.95 -15.56 -9.72
N TRP B 343 -12.41 -15.46 -10.93
CA TRP B 343 -13.13 -14.92 -12.08
C TRP B 343 -13.40 -16.01 -13.10
N ASN B 344 -14.60 -15.98 -13.67
CA ASN B 344 -14.99 -16.92 -14.72
C ASN B 344 -16.06 -16.29 -15.57
N GLY B 345 -16.18 -16.78 -16.81
CA GLY B 345 -17.17 -16.31 -17.75
C GLY B 345 -18.42 -17.18 -17.77
N SER B 346 -19.34 -16.80 -18.65
CA SER B 346 -20.59 -17.52 -18.83
C SER B 346 -20.98 -17.50 -20.30
N SER B 347 -21.50 -18.62 -20.80
CA SER B 347 -21.89 -18.73 -22.20
C SER B 347 -23.32 -18.23 -22.39
N ALA C 7 39.88 -7.74 -9.73
CA ALA C 7 38.65 -7.13 -9.22
C ALA C 7 37.78 -6.63 -10.36
N SER C 8 37.91 -5.34 -10.69
CA SER C 8 37.15 -4.74 -11.78
C SER C 8 37.54 -5.39 -13.10
N ILE C 9 38.83 -5.68 -13.28
CA ILE C 9 39.30 -6.34 -14.50
C ILE C 9 38.67 -7.72 -14.63
N ALA C 10 38.64 -8.47 -13.52
CA ALA C 10 38.02 -9.80 -13.54
C ALA C 10 36.52 -9.72 -13.82
N GLN C 11 35.84 -8.75 -13.23
CA GLN C 11 34.41 -8.59 -13.47
C GLN C 11 34.14 -8.25 -14.94
N ALA C 12 34.95 -7.36 -15.51
CA ALA C 12 34.80 -7.02 -16.92
C ALA C 12 35.10 -8.22 -17.81
N ARG C 13 36.11 -9.02 -17.47
CA ARG C 13 36.40 -10.23 -18.25
C ARG C 13 35.24 -11.21 -18.18
N LYS C 14 34.65 -11.38 -17.00
CA LYS C 14 33.49 -12.26 -16.88
C LYS C 14 32.31 -11.75 -17.69
N LEU C 15 32.09 -10.43 -17.68
CA LEU C 15 31.00 -9.86 -18.48
C LEU C 15 31.26 -10.07 -19.97
N VAL C 16 32.51 -9.91 -20.41
CA VAL C 16 32.84 -10.12 -21.82
C VAL C 16 32.63 -11.59 -22.19
N GLU C 17 33.02 -12.50 -21.30
CA GLU C 17 32.80 -13.92 -21.57
C GLU C 17 31.31 -14.24 -21.66
N GLN C 18 30.51 -13.66 -20.78
CA GLN C 18 29.06 -13.90 -20.83
C GLN C 18 28.46 -13.35 -22.12
N LEU C 19 28.87 -12.14 -22.51
CA LEU C 19 28.38 -11.55 -23.76
C LEU C 19 28.83 -12.31 -24.99
N LYS C 20 30.02 -12.91 -24.98
CA LYS C 20 30.48 -13.76 -26.07
C LYS C 20 29.73 -15.08 -26.13
N MET C 21 29.46 -15.68 -24.97
CA MET C 21 28.66 -16.90 -24.93
C MET C 21 27.22 -16.66 -25.35
N GLU C 22 26.69 -15.47 -25.10
CA GLU C 22 25.34 -15.10 -25.53
C GLU C 22 25.31 -14.61 -26.97
N ALA C 23 26.46 -14.51 -27.62
CA ALA C 23 26.52 -14.07 -29.01
C ALA C 23 26.74 -15.20 -30.01
N ASN C 24 26.85 -16.44 -29.55
CA ASN C 24 27.00 -17.61 -30.42
C ASN C 24 25.87 -18.58 -30.12
N ILE C 25 24.72 -18.34 -30.75
CA ILE C 25 23.54 -19.17 -30.58
C ILE C 25 22.79 -19.22 -31.91
N ASP C 26 22.09 -20.32 -32.16
CA ASP C 26 21.25 -20.43 -33.34
C ASP C 26 20.04 -19.51 -33.18
N ARG C 27 19.76 -18.71 -34.22
CA ARG C 27 18.68 -17.75 -34.19
C ARG C 27 17.72 -18.02 -35.34
N ILE C 28 16.42 -17.90 -35.06
CA ILE C 28 15.38 -18.09 -36.04
C ILE C 28 14.72 -16.75 -36.32
N LYS C 29 14.16 -16.61 -37.52
CA LYS C 29 13.52 -15.37 -37.92
C LYS C 29 12.35 -15.06 -37.00
N VAL C 30 12.14 -13.76 -36.73
CA VAL C 30 11.08 -13.34 -35.83
C VAL C 30 9.71 -13.68 -36.39
N SER C 31 9.57 -13.75 -37.72
CA SER C 31 8.31 -14.18 -38.31
C SER C 31 7.99 -15.62 -37.93
N LYS C 32 8.99 -16.50 -37.98
CA LYS C 32 8.78 -17.88 -37.56
C LYS C 32 8.47 -17.96 -36.07
N ALA C 33 9.13 -17.13 -35.26
CA ALA C 33 8.85 -17.11 -33.83
C ALA C 33 7.42 -16.68 -33.54
N ALA C 34 6.93 -15.66 -34.26
CA ALA C 34 5.55 -15.22 -34.09
C ALA C 34 4.57 -16.29 -34.58
N ALA C 35 4.88 -16.95 -35.69
CA ALA C 35 4.01 -18.01 -36.19
C ALA C 35 3.94 -19.20 -35.23
N ASP C 36 5.06 -19.51 -34.56
CA ASP C 36 5.06 -20.62 -33.61
C ASP C 36 4.11 -20.37 -32.45
N LEU C 37 3.94 -19.12 -32.04
CA LEU C 37 2.98 -18.78 -30.99
C LEU C 37 1.56 -18.65 -31.54
N MET C 38 1.40 -18.11 -32.75
CA MET C 38 0.07 -17.98 -33.34
C MET C 38 -0.57 -19.35 -33.57
N ALA C 39 0.21 -20.30 -34.11
CA ALA C 39 -0.32 -21.64 -34.34
C ALA C 39 -0.67 -22.33 -33.03
N TYR C 40 0.16 -22.16 -32.01
CA TYR C 40 -0.14 -22.76 -30.71
C TYR C 40 -1.40 -22.16 -30.10
N CYS C 41 -1.57 -20.84 -30.23
CA CYS C 41 -2.76 -20.19 -29.70
C CYS C 41 -4.01 -20.65 -30.44
N GLU C 42 -3.94 -20.77 -31.77
CA GLU C 42 -5.11 -21.18 -32.54
C GLU C 42 -5.40 -22.67 -32.42
N ALA C 43 -4.41 -23.47 -32.04
CA ALA C 43 -4.65 -24.91 -31.89
C ALA C 43 -5.41 -25.22 -30.61
N HIS C 44 -5.11 -24.51 -29.53
CA HIS C 44 -5.75 -24.74 -28.23
C HIS C 44 -6.84 -23.73 -27.93
N ALA C 45 -7.39 -23.07 -28.96
CA ALA C 45 -8.40 -22.05 -28.72
C ALA C 45 -9.65 -22.62 -28.08
N LYS C 46 -10.10 -23.79 -28.55
CA LYS C 46 -11.33 -24.38 -28.04
C LYS C 46 -11.14 -25.09 -26.71
N GLU C 47 -9.90 -25.33 -26.30
CA GLU C 47 -9.61 -25.98 -25.03
C GLU C 47 -9.44 -25.00 -23.88
N ASP C 48 -9.55 -23.70 -24.13
CA ASP C 48 -9.34 -22.70 -23.09
C ASP C 48 -10.68 -22.28 -22.50
N PRO C 49 -10.96 -22.59 -21.25
CA PRO C 49 -12.23 -22.12 -20.65
C PRO C 49 -12.34 -20.62 -20.57
N LEU C 50 -11.23 -19.90 -20.45
CA LEU C 50 -11.28 -18.45 -20.40
C LEU C 50 -11.64 -17.86 -21.76
N LEU C 51 -11.03 -18.38 -22.83
CA LEU C 51 -11.33 -17.88 -24.17
C LEU C 51 -12.76 -18.24 -24.57
N THR C 52 -13.13 -19.50 -24.42
CA THR C 52 -14.48 -19.95 -24.74
C THR C 52 -15.22 -20.28 -23.45
N PRO C 53 -16.29 -19.57 -23.12
CA PRO C 53 -16.99 -19.82 -21.86
C PRO C 53 -17.49 -21.25 -21.76
N VAL C 54 -17.38 -21.81 -20.56
CA VAL C 54 -17.77 -23.19 -20.29
C VAL C 54 -19.19 -23.17 -19.71
N PRO C 55 -20.09 -24.05 -20.18
CA PRO C 55 -21.44 -24.08 -19.62
C PRO C 55 -21.42 -24.41 -18.13
N ALA C 56 -22.38 -23.84 -17.41
CA ALA C 56 -22.46 -24.03 -15.96
C ALA C 56 -22.75 -25.46 -15.57
N SER C 57 -23.22 -26.29 -16.51
CA SER C 57 -23.49 -27.69 -16.19
C SER C 57 -22.22 -28.42 -15.80
N GLU C 58 -21.13 -28.19 -16.53
CA GLU C 58 -19.84 -28.81 -16.24
C GLU C 58 -18.84 -27.83 -15.62
N ASN C 59 -19.28 -26.61 -15.32
CA ASN C 59 -18.40 -25.63 -14.67
C ASN C 59 -18.29 -25.95 -13.19
N PRO C 60 -17.09 -26.06 -12.62
CA PRO C 60 -16.96 -26.38 -11.19
C PRO C 60 -17.01 -25.14 -10.32
N PHE C 61 -17.43 -24.02 -10.90
CA PHE C 61 -17.55 -22.74 -10.19
C PHE C 61 -18.96 -22.19 -10.34
N ARG C 62 -19.94 -23.04 -10.10
CA ARG C 62 -21.35 -22.64 -10.21
C ARG C 62 -21.71 -21.61 -9.14
N GLN D 3 18.12 -1.33 -24.53
CA GLN D 3 18.88 -1.27 -23.28
C GLN D 3 19.03 0.17 -22.80
N VAL D 4 18.73 0.40 -21.53
CA VAL D 4 18.83 1.73 -20.94
C VAL D 4 20.30 2.00 -20.61
N GLN D 5 20.84 3.09 -21.16
CA GLN D 5 22.23 3.44 -20.94
C GLN D 5 22.36 4.96 -20.88
N LEU D 6 23.40 5.42 -20.20
CA LEU D 6 23.72 6.83 -20.08
C LEU D 6 25.20 7.03 -20.36
N GLN D 7 25.51 8.05 -21.17
CA GLN D 7 26.88 8.34 -21.58
C GLN D 7 27.19 9.79 -21.26
N GLU D 8 27.94 10.01 -20.19
CA GLU D 8 28.35 11.36 -19.81
C GLU D 8 29.48 11.84 -20.73
N SER D 9 29.42 13.11 -21.10
CA SER D 9 30.44 13.74 -21.93
C SER D 9 30.85 15.07 -21.33
N GLY D 10 32.16 15.33 -21.31
CA GLY D 10 32.70 16.55 -20.78
C GLY D 10 33.81 16.24 -19.79
N GLY D 11 34.09 17.22 -18.93
CA GLY D 11 35.12 17.06 -17.92
C GLY D 11 36.51 17.32 -18.47
N GLY D 12 37.50 17.13 -17.61
CA GLY D 12 38.89 17.32 -17.94
C GLY D 12 39.59 18.13 -16.87
N LEU D 13 40.73 18.70 -17.23
CA LEU D 13 41.53 19.50 -16.32
C LEU D 13 41.13 20.96 -16.45
N VAL D 14 40.69 21.57 -15.35
CA VAL D 14 40.24 22.95 -15.34
C VAL D 14 40.88 23.66 -14.15
N GLN D 15 41.40 24.87 -14.39
CA GLN D 15 42.02 25.63 -13.32
C GLN D 15 40.99 25.96 -12.25
N PRO D 16 41.38 25.97 -10.97
CA PRO D 16 40.42 26.30 -9.91
C PRO D 16 39.84 27.69 -10.10
N GLY D 17 38.54 27.83 -9.81
CA GLY D 17 37.82 29.05 -10.06
C GLY D 17 37.35 29.23 -11.49
N GLY D 18 37.57 28.23 -12.35
CA GLY D 18 37.16 28.31 -13.74
C GLY D 18 35.75 27.81 -13.96
N SER D 19 35.46 27.48 -15.21
CA SER D 19 34.13 27.03 -15.59
C SER D 19 34.24 25.95 -16.65
N LEU D 20 33.39 24.93 -16.55
CA LEU D 20 33.32 23.88 -17.55
C LEU D 20 31.88 23.40 -17.65
N ARG D 21 31.54 22.85 -18.81
CA ARG D 21 30.21 22.34 -19.09
C ARG D 21 30.28 20.89 -19.54
N LEU D 22 29.46 20.04 -18.95
CA LEU D 22 29.40 18.63 -19.29
C LEU D 22 27.95 18.21 -19.47
N SER D 23 27.72 17.27 -20.39
CA SER D 23 26.38 16.88 -20.78
C SER D 23 26.20 15.37 -20.59
N CYS D 24 24.97 14.98 -20.33
CA CYS D 24 24.59 13.59 -20.13
C CYS D 24 23.72 13.13 -21.30
N ALA D 25 24.20 12.14 -22.04
CA ALA D 25 23.44 11.57 -23.14
C ALA D 25 22.63 10.37 -22.65
N ALA D 26 21.39 10.28 -23.13
CA ALA D 26 20.48 9.21 -22.71
C ALA D 26 19.83 8.58 -23.93
N SER D 27 19.53 7.28 -23.81
CA SER D 27 18.89 6.54 -24.88
C SER D 27 18.20 5.32 -24.28
N GLY D 28 17.26 4.76 -25.05
CA GLY D 28 16.55 3.57 -24.65
C GLY D 28 15.34 3.80 -23.75
N PHE D 29 15.02 5.05 -23.43
CA PHE D 29 13.87 5.35 -22.58
C PHE D 29 13.38 6.76 -22.89
N THR D 30 12.16 7.05 -22.42
CA THR D 30 11.59 8.38 -22.59
C THR D 30 12.24 9.34 -21.61
N PHE D 31 12.97 10.32 -22.16
CA PHE D 31 13.69 11.27 -21.31
C PHE D 31 12.75 12.12 -20.47
N SER D 32 11.64 12.57 -21.07
CA SER D 32 10.74 13.49 -20.38
C SER D 32 10.02 12.80 -19.22
N ASN D 33 9.66 11.53 -19.39
CA ASN D 33 8.86 10.85 -18.38
C ASN D 33 9.64 10.50 -17.12
N TYR D 34 10.97 10.52 -17.19
CA TYR D 34 11.81 10.07 -16.08
C TYR D 34 12.55 11.26 -15.48
N LYS D 35 12.45 11.39 -14.15
CA LYS D 35 13.22 12.39 -13.43
C LYS D 35 14.70 12.03 -13.44
N MET D 36 15.56 13.03 -13.60
CA MET D 36 16.99 12.82 -13.73
C MET D 36 17.72 13.56 -12.61
N ASN D 37 18.74 12.91 -12.04
CA ASN D 37 19.50 13.45 -10.93
C ASN D 37 20.97 13.51 -11.29
N TRP D 38 21.72 14.28 -10.50
CA TRP D 38 23.16 14.38 -10.61
C TRP D 38 23.79 13.98 -9.28
N VAL D 39 24.75 13.06 -9.33
CA VAL D 39 25.43 12.59 -8.13
C VAL D 39 26.94 12.72 -8.32
N ARG D 40 27.65 12.73 -7.20
CA ARG D 40 29.09 12.96 -7.18
C ARG D 40 29.75 11.92 -6.27
N GLN D 41 30.97 11.51 -6.66
CA GLN D 41 31.75 10.56 -5.88
C GLN D 41 33.18 11.07 -5.78
N ALA D 42 33.49 11.75 -4.68
CA ALA D 42 34.84 12.23 -4.45
C ALA D 42 35.78 11.06 -4.17
N PRO D 43 37.06 11.19 -4.54
CA PRO D 43 38.02 10.12 -4.23
C PRO D 43 38.10 9.86 -2.74
N GLY D 44 38.13 8.58 -2.37
CA GLY D 44 38.16 8.19 -0.98
C GLY D 44 36.85 8.39 -0.25
N LYS D 45 35.77 8.72 -0.95
CA LYS D 45 34.47 8.97 -0.34
C LYS D 45 33.39 8.30 -1.18
N GLY D 46 32.25 8.03 -0.55
CA GLY D 46 31.14 7.41 -1.23
C GLY D 46 30.39 8.38 -2.12
N LEU D 47 29.42 7.84 -2.85
CA LEU D 47 28.62 8.65 -3.75
C LEU D 47 27.75 9.63 -2.97
N GLU D 48 27.64 10.85 -3.49
CA GLU D 48 26.85 11.90 -2.85
C GLU D 48 25.97 12.58 -3.90
N TRP D 49 24.84 13.10 -3.44
CA TRP D 49 23.89 13.77 -4.32
C TRP D 49 24.26 15.23 -4.51
N VAL D 50 23.98 15.75 -5.70
CA VAL D 50 24.30 17.14 -6.02
C VAL D 50 23.01 17.91 -6.33
N SER D 51 22.29 17.48 -7.36
CA SER D 51 21.09 18.19 -7.79
C SER D 51 20.21 17.25 -8.59
N ASP D 52 18.95 17.67 -8.76
CA ASP D 52 17.99 16.93 -9.57
C ASP D 52 17.10 17.90 -10.33
N ILE D 53 16.53 17.42 -11.42
CA ILE D 53 15.62 18.20 -12.25
C ILE D 53 14.36 17.39 -12.47
N SER D 54 13.21 18.07 -12.44
CA SER D 54 11.93 17.39 -12.59
C SER D 54 11.68 17.03 -14.04
N GLN D 55 10.52 16.40 -14.30
CA GLN D 55 10.18 15.99 -15.65
C GLN D 55 10.04 17.19 -16.59
N SER D 56 9.36 18.25 -16.13
CA SER D 56 9.17 19.44 -16.92
C SER D 56 10.11 20.58 -16.53
N GLY D 57 10.97 20.36 -15.53
CA GLY D 57 11.89 21.39 -15.09
C GLY D 57 11.30 22.40 -14.13
N ALA D 58 10.02 22.27 -13.77
CA ALA D 58 9.40 23.23 -12.85
C ALA D 58 10.04 23.17 -11.48
N SER D 59 10.32 21.97 -10.98
CA SER D 59 10.92 21.79 -9.66
C SER D 59 12.42 21.54 -9.83
N ILE D 60 13.23 22.44 -9.28
CA ILE D 60 14.68 22.38 -9.39
C ILE D 60 15.28 22.60 -8.00
N SER D 61 16.24 21.76 -7.63
CA SER D 61 16.83 21.83 -6.31
C SER D 61 18.32 21.53 -6.40
N TYR D 62 19.07 22.04 -5.43
CA TYR D 62 20.51 21.82 -5.32
C TYR D 62 20.85 21.51 -3.88
N THR D 63 22.01 20.86 -3.70
CA THR D 63 22.52 20.65 -2.35
C THR D 63 23.15 21.94 -1.83
N GLY D 64 23.30 22.00 -0.50
CA GLY D 64 23.82 23.20 0.12
C GLY D 64 25.25 23.52 -0.28
N SER D 65 26.07 22.48 -0.45
CA SER D 65 27.48 22.70 -0.74
C SER D 65 27.71 23.40 -2.07
N VAL D 66 26.83 23.19 -3.04
CA VAL D 66 26.96 23.78 -4.37
C VAL D 66 25.82 24.73 -4.69
N LYS D 67 25.00 25.08 -3.70
CA LYS D 67 23.87 25.97 -3.93
C LYS D 67 24.35 27.32 -4.44
N GLY D 68 23.70 27.81 -5.50
CA GLY D 68 24.09 29.06 -6.10
C GLY D 68 25.38 29.02 -6.89
N ARG D 69 25.82 27.83 -7.29
CA ARG D 69 27.07 27.69 -8.03
C ARG D 69 26.90 26.92 -9.33
N PHE D 70 26.03 25.92 -9.37
CA PHE D 70 25.81 25.12 -10.56
C PHE D 70 24.42 25.37 -11.13
N THR D 71 24.29 25.21 -12.44
CA THR D 71 23.02 25.35 -13.13
C THR D 71 22.76 24.09 -13.95
N ILE D 72 21.56 23.52 -13.82
CA ILE D 72 21.18 22.30 -14.50
C ILE D 72 20.12 22.65 -15.55
N SER D 73 20.30 22.12 -16.76
CA SER D 73 19.36 22.33 -17.86
C SER D 73 18.96 20.99 -18.43
N ARG D 74 17.67 20.83 -18.70
CA ARG D 74 17.10 19.60 -19.23
C ARG D 74 16.48 19.87 -20.59
N ASP D 75 16.90 19.11 -21.60
CA ASP D 75 16.39 19.25 -22.96
C ASP D 75 15.67 17.97 -23.34
N ASN D 76 14.33 18.01 -23.31
CA ASN D 76 13.54 16.83 -23.66
C ASN D 76 13.65 16.52 -25.14
N ALA D 77 13.67 17.55 -25.99
CA ALA D 77 13.77 17.32 -27.43
C ALA D 77 15.10 16.68 -27.80
N LYS D 78 16.18 17.13 -27.18
CA LYS D 78 17.51 16.58 -27.44
C LYS D 78 17.87 15.43 -26.51
N ASN D 79 16.94 15.01 -25.66
CA ASN D 79 17.08 13.87 -24.74
C ASN D 79 18.42 13.85 -24.02
N THR D 80 18.96 15.02 -23.69
CA THR D 80 20.23 15.12 -22.99
C THR D 80 20.07 16.05 -21.79
N LEU D 81 20.87 15.78 -20.75
CA LEU D 81 20.86 16.56 -19.53
C LEU D 81 22.13 17.39 -19.45
N TYR D 82 21.99 18.68 -19.15
CA TYR D 82 23.10 19.60 -19.07
C TYR D 82 23.40 19.96 -17.62
N LEU D 83 24.66 20.24 -17.34
CA LEU D 83 25.10 20.67 -16.02
C LEU D 83 26.23 21.68 -16.22
N GLN D 84 25.95 22.96 -15.95
CA GLN D 84 26.92 24.02 -16.13
C GLN D 84 27.53 24.39 -14.78
N MET D 85 28.86 24.44 -14.73
CA MET D 85 29.59 24.75 -13.51
C MET D 85 30.53 25.92 -13.75
N ASN D 86 30.63 26.78 -12.73
CA ASN D 86 31.56 27.91 -12.78
C ASN D 86 31.99 28.23 -11.36
N SER D 87 33.15 28.89 -11.26
CA SER D 87 33.78 29.22 -9.97
C SER D 87 33.97 27.96 -9.13
N LEU D 88 34.77 27.04 -9.68
CA LEU D 88 34.99 25.75 -9.03
C LEU D 88 35.90 25.91 -7.81
N LYS D 89 35.96 24.85 -7.03
CA LYS D 89 36.76 24.79 -5.80
C LYS D 89 37.63 23.55 -5.84
N PRO D 90 38.76 23.56 -5.14
CA PRO D 90 39.65 22.38 -5.16
C PRO D 90 39.02 21.11 -4.63
N GLU D 91 37.95 21.22 -3.83
CA GLU D 91 37.26 20.05 -3.30
C GLU D 91 36.21 19.49 -4.25
N ASP D 92 36.03 20.10 -5.42
CA ASP D 92 35.00 19.69 -6.36
C ASP D 92 35.47 18.63 -7.35
N THR D 93 36.75 18.26 -7.32
CA THR D 93 37.25 17.25 -8.24
C THR D 93 36.76 15.86 -7.83
N ALA D 94 36.06 15.19 -8.73
CA ALA D 94 35.45 13.90 -8.45
C ALA D 94 34.99 13.29 -9.78
N VAL D 95 34.27 12.17 -9.69
CA VAL D 95 33.66 11.55 -10.85
C VAL D 95 32.17 11.87 -10.83
N TYR D 96 31.71 12.59 -11.84
CA TYR D 96 30.31 13.01 -11.92
C TYR D 96 29.50 11.93 -12.64
N TYR D 97 28.57 11.31 -11.92
CA TYR D 97 27.75 10.23 -12.44
C TYR D 97 26.36 10.76 -12.74
N CYS D 98 25.86 10.47 -13.94
CA CYS D 98 24.52 10.87 -14.35
C CYS D 98 23.55 9.74 -14.03
N ALA D 99 22.60 10.00 -13.13
CA ALA D 99 21.70 8.98 -12.62
C ALA D 99 20.26 9.31 -12.98
N ARG D 100 19.47 8.26 -13.21
CA ARG D 100 18.06 8.37 -13.54
C ARG D 100 17.22 7.70 -12.46
N CYS D 101 16.09 8.32 -12.14
CA CYS D 101 15.21 7.76 -11.12
C CYS D 101 14.63 6.44 -11.60
N PRO D 102 14.45 5.46 -10.72
CA PRO D 102 14.05 4.12 -11.16
C PRO D 102 12.68 4.07 -11.83
N ALA D 103 11.74 4.91 -11.43
CA ALA D 103 10.38 4.82 -11.94
C ALA D 103 9.92 6.15 -12.49
N PRO D 104 9.08 6.14 -13.52
CA PRO D 104 8.54 7.38 -14.08
C PRO D 104 7.27 7.83 -13.37
N PHE D 105 6.95 9.10 -13.56
CA PHE D 105 5.76 9.75 -13.01
C PHE D 105 5.75 9.74 -11.47
N THR D 106 6.91 9.56 -10.85
CA THR D 106 7.04 9.57 -9.41
C THR D 106 8.09 10.59 -8.99
N ARG D 107 7.84 11.24 -7.86
CA ARG D 107 8.74 12.25 -7.32
C ARG D 107 9.77 11.68 -6.35
N ASP D 108 9.71 10.39 -6.05
CA ASP D 108 10.62 9.75 -5.12
C ASP D 108 11.63 8.91 -5.88
N CYS D 109 12.91 9.05 -5.54
CA CYS D 109 13.99 8.29 -6.14
C CYS D 109 14.88 7.76 -5.02
N PHE D 110 14.78 6.45 -4.76
CA PHE D 110 15.43 5.88 -3.59
C PHE D 110 16.89 5.55 -3.84
N ASP D 111 17.16 4.66 -4.81
CA ASP D 111 18.49 4.10 -5.00
C ASP D 111 19.34 4.86 -6.00
N VAL D 112 19.11 6.17 -6.15
CA VAL D 112 19.93 6.96 -7.05
C VAL D 112 21.37 7.01 -6.57
N THR D 113 21.58 7.24 -5.28
CA THR D 113 22.92 7.29 -4.69
C THR D 113 23.34 5.94 -4.15
N SER D 114 23.27 4.91 -4.99
CA SER D 114 23.61 3.55 -4.61
C SER D 114 24.97 3.15 -5.19
N THR D 115 25.67 2.27 -4.49
CA THR D 115 26.97 1.82 -4.96
C THR D 115 26.87 1.04 -6.27
N THR D 116 25.85 0.20 -6.40
CA THR D 116 25.67 -0.64 -7.57
C THR D 116 24.36 -0.33 -8.28
N TYR D 117 24.06 0.96 -8.44
CA TYR D 117 22.86 1.36 -9.16
C TYR D 117 22.96 0.96 -10.64
N ALA D 118 21.82 0.60 -11.22
CA ALA D 118 21.80 0.12 -12.60
C ALA D 118 21.57 1.25 -13.61
N TYR D 119 20.74 2.25 -13.26
CA TYR D 119 20.41 3.32 -14.18
C TYR D 119 21.33 4.52 -13.94
N ARG D 120 22.60 4.32 -14.29
CA ARG D 120 23.59 5.39 -14.20
C ARG D 120 24.69 5.13 -15.22
N GLY D 121 25.38 6.21 -15.59
CA GLY D 121 26.41 6.13 -16.59
C GLY D 121 27.77 5.78 -16.01
N GLN D 122 28.76 5.69 -16.91
CA GLN D 122 30.12 5.38 -16.49
C GLN D 122 30.82 6.57 -15.84
N GLY D 123 30.29 7.77 -16.02
CA GLY D 123 30.84 8.95 -15.36
C GLY D 123 32.04 9.52 -16.09
N THR D 124 32.31 10.79 -15.82
CA THR D 124 33.46 11.50 -16.37
C THR D 124 34.24 12.13 -15.23
N GLN D 125 35.55 11.92 -15.22
CA GLN D 125 36.41 12.49 -14.20
C GLN D 125 36.63 13.97 -14.45
N VAL D 126 36.44 14.79 -13.41
CA VAL D 126 36.75 16.21 -13.44
C VAL D 126 37.82 16.48 -12.40
N THR D 127 38.85 17.21 -12.80
CA THR D 127 40.00 17.49 -11.94
C THR D 127 40.31 18.98 -11.97
N VAL D 128 40.47 19.56 -10.78
CA VAL D 128 40.87 20.95 -10.64
C VAL D 128 42.10 21.01 -9.73
N SER D 129 43.10 21.77 -10.15
CA SER D 129 44.35 21.90 -9.39
C SER D 129 45.14 23.06 -9.95
N SER D 130 45.96 23.66 -9.09
CA SER D 130 46.82 24.76 -9.51
C SER D 130 47.91 24.24 -10.44
N HIS D 131 48.17 24.99 -11.51
CA HIS D 131 49.20 24.62 -12.47
C HIS D 131 49.89 25.86 -13.04
N ASP E 159 -54.51 23.63 7.26
CA ASP E 159 -54.60 23.19 5.88
C ASP E 159 -53.21 22.94 5.31
N ARG E 160 -52.47 24.02 5.03
CA ARG E 160 -51.13 23.90 4.49
C ARG E 160 -50.16 23.32 5.51
N LEU E 161 -50.41 23.54 6.80
CA LEU E 161 -49.52 23.04 7.84
C LEU E 161 -49.49 21.51 7.83
N ALA E 162 -50.66 20.88 7.71
CA ALA E 162 -50.72 19.41 7.68
C ALA E 162 -50.03 18.86 6.44
N MET E 163 -50.22 19.51 5.29
CA MET E 163 -49.57 19.07 4.06
C MET E 163 -48.05 19.18 4.18
N ILE E 164 -47.56 20.29 4.73
CA ILE E 164 -46.12 20.45 4.93
C ILE E 164 -45.60 19.39 5.88
N TYR E 165 -46.32 19.15 6.98
CA TYR E 165 -45.94 18.13 7.94
C TYR E 165 -45.79 16.76 7.28
N THR E 166 -46.82 16.34 6.55
CA THR E 166 -46.80 15.00 5.97
C THR E 166 -45.77 14.88 4.86
N VAL E 167 -45.60 15.91 4.03
CA VAL E 167 -44.62 15.83 2.95
C VAL E 167 -43.20 15.82 3.53
N GLY E 168 -42.96 16.61 4.58
CA GLY E 168 -41.65 16.58 5.20
C GLY E 168 -41.34 15.25 5.84
N TYR E 169 -42.31 14.65 6.55
CA TYR E 169 -42.09 13.32 7.18
C TYR E 169 -41.96 12.22 6.11
N SER E 170 -42.67 12.33 4.99
CA SER E 170 -42.49 11.35 3.92
C SER E 170 -41.11 11.47 3.28
N VAL E 171 -40.65 12.70 3.00
CA VAL E 171 -39.34 12.87 2.40
C VAL E 171 -38.24 12.45 3.36
N SER E 172 -38.44 12.69 4.67
CA SER E 172 -37.47 12.24 5.66
C SER E 172 -37.40 10.72 5.70
N LEU E 173 -38.56 10.06 5.68
CA LEU E 173 -38.58 8.60 5.68
C LEU E 173 -37.90 8.04 4.43
N ALA E 174 -38.16 8.64 3.27
CA ALA E 174 -37.52 8.18 2.04
C ALA E 174 -36.01 8.37 2.10
N SER E 175 -35.56 9.54 2.59
CA SER E 175 -34.13 9.79 2.68
C SER E 175 -33.45 8.82 3.64
N LEU E 176 -34.07 8.56 4.79
CA LEU E 176 -33.48 7.63 5.74
C LEU E 176 -33.45 6.21 5.19
N THR E 177 -34.51 5.80 4.49
CA THR E 177 -34.56 4.47 3.90
C THR E 177 -33.46 4.30 2.85
N VAL E 178 -33.30 5.30 1.97
CA VAL E 178 -32.27 5.16 0.95
C VAL E 178 -30.88 5.23 1.58
N ALA E 179 -30.72 6.01 2.66
CA ALA E 179 -29.44 6.05 3.36
C ALA E 179 -29.10 4.69 3.95
N VAL E 180 -30.09 4.03 4.55
CA VAL E 180 -29.89 2.68 5.06
C VAL E 180 -29.53 1.73 3.93
N LEU E 181 -30.18 1.89 2.78
CA LEU E 181 -29.88 1.03 1.64
C LEU E 181 -28.43 1.19 1.18
N ILE E 182 -27.94 2.42 1.07
CA ILE E 182 -26.53 2.61 0.71
C ILE E 182 -25.61 2.05 1.78
N LEU E 183 -25.90 2.32 3.04
CA LEU E 183 -25.00 1.90 4.11
C LEU E 183 -25.05 0.40 4.38
N ALA E 184 -26.02 -0.31 3.85
CA ALA E 184 -26.08 -1.75 4.04
C ALA E 184 -25.69 -2.54 2.80
N TYR E 185 -25.97 -2.01 1.60
CA TYR E 185 -25.70 -2.76 0.38
C TYR E 185 -24.19 -2.89 0.14
N PHE E 186 -23.47 -1.78 0.26
CA PHE E 186 -22.05 -1.77 -0.07
C PHE E 186 -21.24 -2.44 1.02
N ARG E 187 -20.45 -3.46 0.64
CA ARG E 187 -19.62 -4.17 1.59
C ARG E 187 -18.39 -3.36 2.01
N ARG E 188 -17.91 -2.47 1.14
CA ARG E 188 -16.77 -1.63 1.49
C ARG E 188 -17.08 -0.66 2.63
N LEU E 189 -18.35 -0.37 2.87
CA LEU E 189 -18.78 0.51 3.95
C LEU E 189 -19.27 -0.27 5.17
N HIS E 190 -18.65 -1.41 5.45
CA HIS E 190 -19.02 -2.26 6.59
C HIS E 190 -18.02 -2.03 7.71
N CYS E 191 -18.46 -1.36 8.78
CA CYS E 191 -17.61 -1.08 9.93
C CYS E 191 -18.51 -0.77 11.12
N THR E 192 -17.90 -0.73 12.30
CA THR E 192 -18.65 -0.43 13.51
C THR E 192 -19.25 0.98 13.45
N ARG E 193 -18.47 1.94 12.94
CA ARG E 193 -18.99 3.30 12.76
C ARG E 193 -20.19 3.29 11.82
N ASN E 194 -20.09 2.56 10.71
CA ASN E 194 -21.20 2.48 9.78
C ASN E 194 -22.37 1.71 10.38
N TYR E 195 -22.10 0.71 11.22
CA TYR E 195 -23.18 0.00 11.89
C TYR E 195 -23.95 0.92 12.83
N ILE E 196 -23.24 1.75 13.58
CA ILE E 196 -23.92 2.69 14.48
C ILE E 196 -24.66 3.76 13.68
N HIS E 197 -24.10 4.17 12.54
CA HIS E 197 -24.82 5.09 11.67
C HIS E 197 -26.13 4.47 11.17
N MET E 198 -26.07 3.20 10.78
CA MET E 198 -27.27 2.49 10.33
C MET E 198 -28.29 2.37 11.47
N HIS E 199 -27.80 2.12 12.69
CA HIS E 199 -28.71 2.05 13.83
C HIS E 199 -29.40 3.39 14.08
N LEU E 200 -28.64 4.48 13.97
CA LEU E 200 -29.24 5.81 14.12
C LEU E 200 -30.27 6.08 13.04
N PHE E 201 -29.96 5.70 11.80
CA PHE E 201 -30.91 5.89 10.70
C PHE E 201 -32.17 5.08 10.91
N LEU E 202 -32.02 3.84 11.37
CA LEU E 202 -33.19 2.99 11.65
C LEU E 202 -34.02 3.57 12.80
N SER E 203 -33.35 4.13 13.82
CA SER E 203 -34.07 4.77 14.91
C SER E 203 -34.88 5.96 14.41
N PHE E 204 -34.29 6.76 13.53
CA PHE E 204 -35.02 7.89 12.96
C PHE E 204 -36.21 7.41 12.12
N MET E 205 -36.02 6.36 11.34
CA MET E 205 -37.09 5.78 10.55
C MET E 205 -38.23 5.32 11.44
N LEU E 206 -37.89 4.63 12.52
CA LEU E 206 -38.87 4.11 13.46
C LEU E 206 -39.61 5.23 14.15
N ARG E 207 -38.90 6.32 14.49
CA ARG E 207 -39.57 7.47 15.09
C ARG E 207 -40.56 8.10 14.13
N ALA E 208 -40.18 8.25 12.86
CA ALA E 208 -41.10 8.80 11.87
C ALA E 208 -42.32 7.90 11.69
N VAL E 209 -42.11 6.59 11.61
CA VAL E 209 -43.22 5.65 11.45
C VAL E 209 -44.13 5.71 12.67
N SER E 210 -43.55 5.83 13.86
CA SER E 210 -44.35 5.90 15.08
C SER E 210 -45.18 7.19 15.12
N ILE E 211 -44.59 8.31 14.71
CA ILE E 211 -45.35 9.56 14.67
C ILE E 211 -46.49 9.47 13.65
N PHE E 212 -46.24 8.85 12.50
CA PHE E 212 -47.38 8.64 11.55
C PHE E 212 -48.46 7.80 12.23
N VAL E 213 -48.08 6.64 12.79
CA VAL E 213 -49.09 5.78 13.39
C VAL E 213 -49.89 6.53 14.45
N LYS E 214 -49.19 7.31 15.28
CA LYS E 214 -49.85 8.03 16.36
C LYS E 214 -50.81 9.07 15.82
N ASP E 215 -50.37 9.90 14.87
CA ASP E 215 -51.24 10.94 14.35
C ASP E 215 -52.33 10.40 13.44
N ALA E 216 -52.15 9.19 12.88
CA ALA E 216 -53.23 8.55 12.15
C ALA E 216 -54.28 7.98 13.09
N VAL E 217 -53.82 7.30 14.14
CA VAL E 217 -54.73 6.65 15.13
C VAL E 217 -54.65 7.41 16.45
N LEU E 218 -54.88 8.72 16.41
CA LEU E 218 -54.76 9.57 17.63
C LEU E 218 -54.77 8.68 18.88
N ALA E 250 -62.36 5.37 26.12
CA ALA E 250 -61.56 5.60 24.91
C ALA E 250 -60.14 5.07 25.08
N GLY E 251 -59.89 4.41 26.21
CA GLY E 251 -58.58 3.87 26.48
C GLY E 251 -58.32 2.55 25.78
N TYR E 252 -58.31 2.58 24.45
CA TYR E 252 -58.06 1.37 23.68
C TYR E 252 -56.59 1.00 23.73
N ALA E 253 -56.31 -0.28 23.43
CA ALA E 253 -54.93 -0.75 23.45
C ALA E 253 -54.12 -0.17 22.30
N GLY E 254 -54.76 0.11 21.16
CA GLY E 254 -54.02 0.63 20.02
C GLY E 254 -53.38 1.97 20.29
N CYS E 255 -54.14 2.88 20.90
CA CYS E 255 -53.61 4.24 21.18
C CYS E 255 -52.52 4.15 22.23
N ARG E 256 -52.69 3.29 23.24
CA ARG E 256 -51.67 3.14 24.28
C ARG E 256 -50.38 2.58 23.69
N VAL E 257 -50.48 1.57 22.83
CA VAL E 257 -49.28 1.01 22.23
C VAL E 257 -48.63 2.00 21.26
N ALA E 258 -49.44 2.82 20.58
CA ALA E 258 -48.88 3.85 19.72
C ALA E 258 -48.09 4.88 20.53
N VAL E 259 -48.65 5.30 21.66
CA VAL E 259 -47.94 6.26 22.52
C VAL E 259 -46.66 5.63 23.07
N THR E 260 -46.74 4.36 23.48
CA THR E 260 -45.55 3.67 23.97
C THR E 260 -44.46 3.61 22.90
N PHE E 261 -44.84 3.26 21.67
CA PHE E 261 -43.87 3.20 20.58
C PHE E 261 -43.30 4.58 20.29
N PHE E 262 -44.13 5.61 20.32
CA PHE E 262 -43.62 6.96 20.06
C PHE E 262 -42.61 7.39 21.12
N LEU E 263 -42.92 7.14 22.40
CA LEU E 263 -41.97 7.48 23.45
C LEU E 263 -40.67 6.70 23.30
N TYR E 264 -40.78 5.39 23.02
CA TYR E 264 -39.58 4.56 22.89
C TYR E 264 -38.72 5.03 21.73
N PHE E 265 -39.33 5.31 20.58
CA PHE E 265 -38.57 5.71 19.41
C PHE E 265 -38.07 7.14 19.50
N LEU E 266 -38.69 7.98 20.33
CA LEU E 266 -38.13 9.30 20.60
C LEU E 266 -36.91 9.20 21.51
N ALA E 267 -36.98 8.33 22.52
CA ALA E 267 -35.84 8.16 23.43
C ALA E 267 -34.65 7.52 22.70
N THR E 268 -34.93 6.56 21.81
CA THR E 268 -33.84 5.84 21.15
C THR E 268 -33.00 6.72 20.26
N ASN E 269 -33.60 7.76 19.67
CA ASN E 269 -32.82 8.67 18.82
C ASN E 269 -31.73 9.36 19.63
N TYR E 270 -32.11 9.98 20.75
CA TYR E 270 -31.13 10.65 21.59
C TYR E 270 -30.14 9.66 22.20
N TYR E 271 -30.62 8.46 22.57
CA TYR E 271 -29.72 7.48 23.14
C TYR E 271 -28.70 6.99 22.12
N TRP E 272 -29.10 6.87 20.85
CA TRP E 272 -28.16 6.47 19.82
C TRP E 272 -27.21 7.60 19.45
N ILE E 273 -27.66 8.85 19.54
CA ILE E 273 -26.73 9.97 19.39
C ILE E 273 -25.67 9.92 20.48
N LEU E 274 -26.09 9.67 21.72
CA LEU E 274 -25.15 9.54 22.82
C LEU E 274 -24.21 8.35 22.61
N VAL E 275 -24.75 7.24 22.06
CA VAL E 275 -23.93 6.07 21.79
C VAL E 275 -22.86 6.38 20.76
N GLU E 276 -23.23 7.10 19.70
CA GLU E 276 -22.25 7.50 18.69
C GLU E 276 -21.19 8.41 19.29
N GLY E 277 -21.60 9.37 20.11
CA GLY E 277 -20.63 10.24 20.76
C GLY E 277 -19.68 9.48 21.65
N LEU E 278 -20.21 8.53 22.44
CA LEU E 278 -19.38 7.72 23.33
C LEU E 278 -18.42 6.84 22.54
N TYR E 279 -18.89 6.27 21.43
CA TYR E 279 -18.02 5.45 20.59
C TYR E 279 -16.88 6.27 20.01
N LEU E 280 -17.18 7.46 19.51
CA LEU E 280 -16.13 8.32 18.97
C LEU E 280 -15.15 8.74 20.06
N HIS E 281 -15.65 9.08 21.24
CA HIS E 281 -14.78 9.45 22.35
C HIS E 281 -13.88 8.29 22.76
N SER E 282 -14.43 7.07 22.79
CA SER E 282 -13.63 5.90 23.11
C SER E 282 -12.57 5.65 22.05
N LEU E 283 -12.92 5.80 20.78
CA LEU E 283 -11.94 5.64 19.72
C LEU E 283 -10.81 6.65 19.86
N ILE E 284 -11.14 7.89 20.22
CA ILE E 284 -10.11 8.92 20.37
C ILE E 284 -9.24 8.65 21.59
N PHE E 285 -9.85 8.27 22.70
CA PHE E 285 -9.17 8.27 24.00
C PHE E 285 -8.50 6.94 24.35
N MET E 286 -8.61 5.91 23.51
CA MET E 286 -7.88 4.67 23.78
C MET E 286 -7.64 3.94 22.47
N ALA E 287 -6.40 3.48 22.27
CA ALA E 287 -6.08 2.73 21.07
C ALA E 287 -6.63 1.31 21.12
N PHE E 288 -6.54 0.66 22.29
CA PHE E 288 -7.04 -0.69 22.43
C PHE E 288 -8.55 -0.71 22.30
N PHE E 289 -9.06 -1.71 21.57
CA PHE E 289 -10.49 -1.80 21.31
C PHE E 289 -10.86 -3.24 21.02
N SER E 290 -12.14 -3.56 21.23
CA SER E 290 -12.71 -4.85 20.88
C SER E 290 -13.94 -4.57 20.02
N GLU E 291 -13.82 -4.79 18.71
CA GLU E 291 -14.85 -4.34 17.78
C GLU E 291 -16.19 -5.01 18.06
N LYS E 292 -16.20 -6.35 18.11
CA LYS E 292 -17.46 -7.08 18.25
C LYS E 292 -18.08 -6.84 19.62
N LYS E 293 -17.28 -6.96 20.68
CA LYS E 293 -17.82 -6.81 22.03
C LYS E 293 -18.35 -5.41 22.26
N TYR E 294 -17.58 -4.38 21.86
CA TYR E 294 -18.03 -3.01 22.06
C TYR E 294 -19.25 -2.69 21.20
N LEU E 295 -19.28 -3.19 19.96
CA LEU E 295 -20.43 -2.94 19.10
C LEU E 295 -21.68 -3.57 19.69
N TRP E 296 -21.58 -4.82 20.16
CA TRP E 296 -22.73 -5.49 20.75
C TRP E 296 -23.18 -4.78 22.03
N GLY E 297 -22.23 -4.35 22.86
CA GLY E 297 -22.58 -3.64 24.08
C GLY E 297 -23.28 -2.33 23.79
N PHE E 298 -22.78 -1.56 22.82
CA PHE E 298 -23.41 -0.31 22.46
C PHE E 298 -24.81 -0.53 21.92
N THR E 299 -24.98 -1.54 21.05
CA THR E 299 -26.30 -1.82 20.50
C THR E 299 -27.28 -2.23 21.60
N VAL E 300 -26.84 -3.11 22.50
CA VAL E 300 -27.70 -3.57 23.58
C VAL E 300 -28.08 -2.40 24.49
N PHE E 301 -27.11 -1.56 24.85
CA PHE E 301 -27.40 -0.40 25.69
C PHE E 301 -28.41 0.52 25.03
N GLY E 302 -28.13 0.91 23.78
CA GLY E 302 -29.00 1.86 23.09
C GLY E 302 -30.39 1.35 22.84
N TRP E 303 -30.55 0.06 22.58
CA TRP E 303 -31.87 -0.50 22.34
C TRP E 303 -32.56 -1.00 23.59
N GLY E 304 -31.87 -1.06 24.72
CA GLY E 304 -32.47 -1.58 25.93
C GLY E 304 -32.77 -0.56 27.01
N LEU E 305 -31.87 0.40 27.24
CA LEU E 305 -32.14 1.38 28.29
C LEU E 305 -33.38 2.23 28.00
N PRO E 306 -33.57 2.79 26.80
CA PRO E 306 -34.87 3.40 26.51
C PRO E 306 -36.02 2.41 26.61
N ALA E 307 -35.79 1.15 26.20
CA ALA E 307 -36.82 0.13 26.33
C ALA E 307 -37.17 -0.12 27.80
N VAL E 308 -36.14 -0.20 28.66
CA VAL E 308 -36.38 -0.43 30.08
C VAL E 308 -37.15 0.74 30.68
N PHE E 309 -36.75 1.97 30.35
CA PHE E 309 -37.44 3.13 30.89
C PHE E 309 -38.89 3.20 30.40
N VAL E 310 -39.12 2.88 29.12
CA VAL E 310 -40.47 2.90 28.57
C VAL E 310 -41.33 1.82 29.21
N ALA E 311 -40.77 0.63 29.44
CA ALA E 311 -41.51 -0.43 30.11
C ALA E 311 -41.87 -0.02 31.54
N VAL E 312 -40.92 0.63 32.24
CA VAL E 312 -41.20 1.10 33.59
C VAL E 312 -42.33 2.14 33.58
N TRP E 313 -42.27 3.06 32.61
CA TRP E 313 -43.32 4.07 32.50
C TRP E 313 -44.68 3.43 32.22
N VAL E 314 -44.70 2.43 31.33
CA VAL E 314 -45.95 1.76 30.99
C VAL E 314 -46.52 1.04 32.21
N SER E 315 -45.65 0.36 32.97
CA SER E 315 -46.09 -0.34 34.17
C SER E 315 -46.64 0.65 35.19
N VAL E 316 -45.96 1.78 35.38
CA VAL E 316 -46.42 2.78 36.34
C VAL E 316 -47.76 3.35 35.92
N ARG E 317 -47.92 3.66 34.63
CA ARG E 317 -49.17 4.22 34.13
C ARG E 317 -50.31 3.22 34.29
N ALA E 318 -50.05 1.94 34.00
CA ALA E 318 -51.10 0.93 34.13
C ALA E 318 -51.46 0.67 35.59
N THR E 319 -50.48 0.71 36.49
CA THR E 319 -50.76 0.43 37.90
C THR E 319 -51.44 1.61 38.59
N LEU E 320 -51.07 2.83 38.25
CA LEU E 320 -51.55 4.00 38.98
C LEU E 320 -52.90 4.51 38.46
N ALA E 321 -52.96 4.90 37.19
CA ALA E 321 -54.17 5.50 36.63
C ALA E 321 -54.87 4.59 35.63
N ASN E 322 -54.18 4.19 34.56
CA ASN E 322 -54.74 3.32 33.52
C ASN E 322 -56.08 3.84 33.02
N THR E 323 -56.17 5.15 32.79
CA THR E 323 -57.40 5.79 32.36
C THR E 323 -57.17 6.52 31.04
N GLY E 324 -58.06 6.29 30.08
CA GLY E 324 -57.99 6.91 28.78
C GLY E 324 -56.69 6.62 28.04
N CYS E 325 -56.51 7.39 26.97
CA CYS E 325 -55.25 7.25 26.21
C CYS E 325 -54.15 7.93 27.02
N TRP E 326 -52.90 7.57 26.76
CA TRP E 326 -51.75 8.08 27.49
C TRP E 326 -51.16 9.34 26.86
N ASP E 327 -51.92 10.05 26.03
CA ASP E 327 -51.43 11.30 25.46
C ASP E 327 -51.22 12.34 26.55
N LEU E 328 -52.16 12.46 27.49
CA LEU E 328 -52.05 13.45 28.54
C LEU E 328 -50.96 13.06 29.53
N SER E 329 -50.25 14.06 30.04
CA SER E 329 -49.21 13.84 31.04
C SER E 329 -49.86 13.79 32.42
N SER E 330 -49.58 12.72 33.15
CA SER E 330 -50.15 12.52 34.49
C SER E 330 -49.21 13.06 35.57
N GLY E 331 -48.95 14.36 35.49
CA GLY E 331 -48.11 15.00 36.49
C GLY E 331 -46.66 14.61 36.32
N ASN E 332 -46.02 14.24 37.43
CA ASN E 332 -44.60 13.91 37.42
C ASN E 332 -44.30 12.56 36.77
N LYS E 333 -45.33 11.77 36.44
CA LYS E 333 -45.11 10.47 35.83
C LYS E 333 -44.46 10.58 34.45
N LYS E 334 -44.57 11.73 33.79
CA LYS E 334 -43.93 11.91 32.49
C LYS E 334 -42.41 12.06 32.59
N TRP E 335 -41.88 12.30 33.79
CA TRP E 335 -40.44 12.46 33.97
C TRP E 335 -39.68 11.15 33.90
N ILE E 336 -40.38 10.01 33.83
CA ILE E 336 -39.69 8.72 33.74
C ILE E 336 -38.92 8.63 32.44
N ILE E 337 -39.45 9.21 31.36
CA ILE E 337 -38.81 9.19 30.06
C ILE E 337 -38.02 10.46 29.79
N GLN E 338 -38.53 11.62 30.25
CA GLN E 338 -37.88 12.88 29.94
C GLN E 338 -36.51 13.00 30.61
N VAL E 339 -36.40 12.59 31.87
CA VAL E 339 -35.14 12.75 32.59
C VAL E 339 -33.99 11.98 31.94
N PRO E 340 -34.15 10.71 31.54
CA PRO E 340 -33.04 10.05 30.81
C PRO E 340 -32.67 10.76 29.52
N ILE E 341 -33.65 11.33 28.82
CA ILE E 341 -33.36 12.06 27.59
C ILE E 341 -32.53 13.29 27.89
N LEU E 342 -32.88 14.03 28.96
CA LEU E 342 -32.09 15.19 29.35
C LEU E 342 -30.68 14.80 29.76
N ALA E 343 -30.54 13.70 30.49
CA ALA E 343 -29.22 13.23 30.89
C ALA E 343 -28.39 12.86 29.66
N SER E 344 -28.99 12.19 28.70
CA SER E 344 -28.29 11.84 27.46
C SER E 344 -27.87 13.09 26.71
N ILE E 345 -28.76 14.09 26.65
CA ILE E 345 -28.42 15.34 25.96
C ILE E 345 -27.26 16.03 26.64
N VAL E 346 -27.26 16.08 27.97
CA VAL E 346 -26.18 16.73 28.71
C VAL E 346 -24.87 15.99 28.48
N LEU E 347 -24.89 14.66 28.54
CA LEU E 347 -23.67 13.88 28.31
C LEU E 347 -23.15 14.07 26.90
N ASN E 348 -24.06 14.10 25.90
CA ASN E 348 -23.64 14.33 24.52
C ASN E 348 -23.04 15.72 24.35
N PHE E 349 -23.60 16.72 25.01
CA PHE E 349 -23.05 18.07 24.95
C PHE E 349 -21.65 18.12 25.56
N ILE E 350 -21.47 17.44 26.70
CA ILE E 350 -20.15 17.39 27.33
C ILE E 350 -19.14 16.71 26.41
N LEU E 351 -19.54 15.58 25.82
CA LEU E 351 -18.64 14.88 24.90
C LEU E 351 -18.32 15.74 23.69
N PHE E 352 -19.30 16.48 23.17
CA PHE E 352 -19.07 17.37 22.03
C PHE E 352 -18.07 18.46 22.38
N ILE E 353 -18.21 19.05 23.57
CA ILE E 353 -17.24 20.05 24.00
C ILE E 353 -15.85 19.44 24.10
N ASN E 354 -15.76 18.22 24.65
CA ASN E 354 -14.46 17.58 24.79
C ASN E 354 -13.81 17.31 23.44
N ILE E 355 -14.58 16.81 22.46
CA ILE E 355 -13.97 16.48 21.18
C ILE E 355 -13.62 17.76 20.42
N VAL E 356 -14.41 18.82 20.59
CA VAL E 356 -14.05 20.11 20.00
C VAL E 356 -12.72 20.58 20.58
N ARG E 357 -12.55 20.45 21.90
CA ARG E 357 -11.31 20.85 22.54
C ARG E 357 -10.12 20.05 22.01
N VAL E 358 -10.28 18.72 21.91
CA VAL E 358 -9.16 17.91 21.45
C VAL E 358 -8.86 18.15 19.98
N LEU E 359 -9.89 18.42 19.16
CA LEU E 359 -9.65 18.75 17.76
C LEU E 359 -8.92 20.08 17.63
N ALA E 360 -9.29 21.07 18.44
CA ALA E 360 -8.57 22.34 18.43
C ALA E 360 -7.12 22.15 18.85
N THR E 361 -6.89 21.31 19.88
CA THR E 361 -5.52 21.03 20.31
C THR E 361 -4.72 20.36 19.20
N LYS E 362 -5.32 19.39 18.51
CA LYS E 362 -4.63 18.72 17.41
C LYS E 362 -4.32 19.68 16.28
N LEU E 363 -5.27 20.54 15.93
CA LEU E 363 -5.04 21.52 14.87
C LEU E 363 -3.93 22.49 15.24
N ARG E 364 -3.90 22.94 16.50
CA ARG E 364 -2.81 23.81 16.95
C ARG E 364 -1.47 23.09 16.91
N GLU E 365 -1.44 21.82 17.32
CA GLU E 365 -0.19 21.07 17.32
C GLU E 365 0.33 20.86 15.90
N THR E 366 -0.57 20.54 14.96
CA THR E 366 -0.16 20.29 13.59
C THR E 366 0.05 21.57 12.78
N ASN E 367 -0.28 22.73 13.35
CA ASN E 367 -0.12 24.02 12.69
C ASN E 367 -0.84 24.06 11.34
N THR E 373 -4.19 29.99 11.13
CA THR E 373 -4.34 29.67 9.71
C THR E 373 -5.81 29.66 9.31
N ARG E 374 -6.11 30.21 8.13
CA ARG E 374 -7.49 30.25 7.66
C ARG E 374 -8.04 28.85 7.41
N GLN E 375 -7.23 27.97 6.83
CA GLN E 375 -7.69 26.61 6.55
C GLN E 375 -8.00 25.84 7.84
N GLN E 376 -7.13 25.98 8.85
CA GLN E 376 -7.37 25.31 10.11
C GLN E 376 -8.63 25.82 10.78
N TYR E 377 -8.84 27.14 10.78
CA TYR E 377 -10.05 27.71 11.36
C TYR E 377 -11.29 27.25 10.62
N ARG E 378 -11.23 27.20 9.29
CA ARG E 378 -12.38 26.74 8.51
C ARG E 378 -12.69 25.28 8.80
N LYS E 379 -11.65 24.44 8.90
CA LYS E 379 -11.87 23.02 9.21
C LYS E 379 -12.46 22.86 10.59
N LEU E 380 -11.96 23.61 11.58
CA LEU E 380 -12.52 23.53 12.92
C LEU E 380 -13.97 23.99 12.95
N LEU E 381 -14.28 25.07 12.24
CA LEU E 381 -15.65 25.56 12.20
C LEU E 381 -16.58 24.54 11.56
N LYS E 382 -16.14 23.93 10.46
CA LYS E 382 -16.96 22.90 9.82
C LYS E 382 -17.17 21.71 10.76
N SER E 383 -16.13 21.30 11.47
CA SER E 383 -16.23 20.17 12.38
C SER E 383 -17.23 20.46 13.50
N THR E 384 -17.12 21.65 14.13
CA THR E 384 -18.02 21.93 15.23
C THR E 384 -19.45 22.15 14.74
N LEU E 385 -19.63 22.74 13.56
CA LEU E 385 -20.97 22.91 13.01
C LEU E 385 -21.61 21.57 12.71
N VAL E 386 -20.83 20.62 12.17
CA VAL E 386 -21.36 19.29 11.92
C VAL E 386 -21.70 18.58 13.22
N LEU E 387 -20.84 18.72 14.23
CA LEU E 387 -21.00 17.99 15.48
C LEU E 387 -21.79 18.74 16.53
N MET E 388 -22.23 19.97 16.26
CA MET E 388 -22.96 20.74 17.25
C MET E 388 -24.35 20.14 17.46
N PRO E 389 -24.72 19.76 18.68
CA PRO E 389 -26.06 19.21 18.91
C PRO E 389 -27.09 20.32 19.06
N LEU E 390 -27.93 20.46 18.04
CA LEU E 390 -29.05 21.39 18.11
C LEU E 390 -30.36 20.69 18.47
N PHE E 391 -30.45 19.38 18.21
CA PHE E 391 -31.67 18.65 18.56
C PHE E 391 -31.91 18.66 20.05
N GLY E 392 -30.85 18.47 20.84
CA GLY E 392 -30.98 18.48 22.29
C GLY E 392 -31.46 19.81 22.84
N VAL E 393 -30.78 20.90 22.46
CA VAL E 393 -31.18 22.22 22.96
C VAL E 393 -32.57 22.58 22.46
N HIS E 394 -32.92 22.15 21.24
CA HIS E 394 -34.29 22.32 20.77
C HIS E 394 -35.27 21.58 21.68
N TYR E 395 -34.89 20.38 22.11
CA TYR E 395 -35.75 19.62 23.02
C TYR E 395 -35.94 20.36 24.34
N ILE E 396 -34.85 20.88 24.92
CA ILE E 396 -34.98 21.58 26.19
C ILE E 396 -35.82 22.85 26.04
N VAL E 397 -35.60 23.62 24.98
CA VAL E 397 -36.35 24.87 24.83
C VAL E 397 -37.82 24.58 24.55
N PHE E 398 -38.08 23.55 23.73
CA PHE E 398 -39.48 23.19 23.39
C PHE E 398 -40.17 22.70 24.66
N MET E 399 -39.48 21.88 25.45
CA MET E 399 -40.05 21.37 26.72
C MET E 399 -40.32 22.52 27.70
N ALA E 400 -39.43 23.52 27.78
CA ALA E 400 -39.60 24.59 28.81
C ALA E 400 -40.56 25.68 28.33
N THR E 401 -40.71 25.87 27.03
CA THR E 401 -41.54 26.94 26.48
C THR E 401 -42.89 27.07 27.18
N PRO E 402 -43.65 26.00 27.41
CA PRO E 402 -44.94 26.17 28.12
C PRO E 402 -44.78 26.76 29.51
N TYR E 403 -43.70 26.46 30.21
CA TYR E 403 -43.47 26.99 31.55
C TYR E 403 -43.15 28.49 31.51
N LEU E 410 -47.00 33.93 20.65
CA LEU E 410 -45.77 33.21 20.32
C LEU E 410 -46.00 31.70 20.37
N TRP E 411 -47.12 31.30 20.97
CA TRP E 411 -47.41 29.87 21.08
C TRP E 411 -47.62 29.24 19.71
N GLN E 412 -48.35 29.92 18.82
CA GLN E 412 -48.62 29.35 17.50
C GLN E 412 -47.34 29.20 16.69
N VAL E 413 -46.50 30.24 16.68
CA VAL E 413 -45.25 30.15 15.92
C VAL E 413 -44.31 29.12 16.55
N GLN E 414 -44.30 29.01 17.88
CA GLN E 414 -43.49 27.99 18.53
C GLN E 414 -43.94 26.60 18.14
N MET E 415 -45.26 26.35 18.12
CA MET E 415 -45.76 25.04 17.73
C MET E 415 -45.45 24.75 16.27
N HIS E 416 -45.59 25.75 15.39
CA HIS E 416 -45.26 25.55 13.99
C HIS E 416 -43.80 25.22 13.80
N TYR E 417 -42.92 25.95 14.50
CA TYR E 417 -41.48 25.67 14.40
C TYR E 417 -41.16 24.28 14.93
N GLU E 418 -41.78 23.88 16.04
CA GLU E 418 -41.53 22.56 16.59
C GLU E 418 -41.97 21.47 15.62
N MET E 419 -43.16 21.64 15.02
CA MET E 419 -43.63 20.64 14.06
C MET E 419 -42.72 20.56 12.84
N LEU E 420 -42.30 21.71 12.31
CA LEU E 420 -41.40 21.71 11.15
C LEU E 420 -40.07 21.06 11.49
N PHE E 421 -39.52 21.37 12.67
CA PHE E 421 -38.25 20.79 13.09
C PHE E 421 -38.37 19.28 13.25
N ASN E 422 -39.46 18.81 13.88
CA ASN E 422 -39.65 17.38 14.04
C ASN E 422 -39.84 16.69 12.69
N SER E 423 -40.49 17.35 11.73
CA SER E 423 -40.69 16.74 10.42
C SER E 423 -39.37 16.66 9.64
N PHE E 424 -38.56 17.71 9.69
CA PHE E 424 -37.36 17.80 8.87
C PHE E 424 -36.09 17.35 9.59
N GLN E 425 -36.19 16.87 10.83
CA GLN E 425 -35.01 16.35 11.54
C GLN E 425 -34.37 15.21 10.75
N GLY E 426 -35.19 14.25 10.31
CA GLY E 426 -34.65 13.13 9.56
C GLY E 426 -34.05 13.55 8.24
N PHE E 427 -34.70 14.48 7.53
CA PHE E 427 -34.18 14.96 6.27
C PHE E 427 -32.82 15.64 6.46
N PHE E 428 -32.69 16.48 7.50
CA PHE E 428 -31.42 17.12 7.77
C PHE E 428 -30.35 16.10 8.12
N VAL E 429 -30.69 15.11 8.95
CA VAL E 429 -29.72 14.10 9.34
C VAL E 429 -29.23 13.34 8.12
N ALA E 430 -30.15 12.91 7.27
CA ALA E 430 -29.77 12.16 6.07
C ALA E 430 -28.94 13.01 5.12
N ILE E 431 -29.29 14.29 4.97
CA ILE E 431 -28.58 15.15 4.03
C ILE E 431 -27.15 15.41 4.50
N ILE E 432 -26.98 15.75 5.78
CA ILE E 432 -25.66 16.19 6.24
C ILE E 432 -24.78 15.03 6.70
N TYR E 433 -25.35 13.88 7.03
CA TYR E 433 -24.56 12.78 7.58
C TYR E 433 -24.43 11.58 6.66
N CYS E 434 -25.24 11.49 5.61
CA CYS E 434 -25.09 10.40 4.65
C CYS E 434 -24.83 10.89 3.22
N PHE E 435 -25.56 11.91 2.77
CA PHE E 435 -25.35 12.42 1.42
C PHE E 435 -24.07 13.24 1.30
N CYS E 436 -23.65 13.87 2.40
CA CYS E 436 -22.43 14.67 2.41
C CYS E 436 -21.23 13.86 2.91
N ASN E 437 -21.40 12.57 3.18
CA ASN E 437 -20.31 11.73 3.65
C ASN E 437 -19.30 11.52 2.54
N GLY E 438 -18.02 11.69 2.86
CA GLY E 438 -16.98 11.48 1.86
C GLY E 438 -16.87 10.03 1.43
N GLU E 439 -16.94 9.10 2.38
CA GLU E 439 -16.83 7.69 2.05
C GLU E 439 -17.98 7.23 1.17
N VAL E 440 -19.21 7.66 1.48
CA VAL E 440 -20.36 7.28 0.69
C VAL E 440 -20.25 7.83 -0.73
N GLN E 441 -19.84 9.09 -0.86
CA GLN E 441 -19.67 9.68 -2.18
C GLN E 441 -18.59 8.96 -2.97
N ALA E 442 -17.47 8.63 -2.32
CA ALA E 442 -16.40 7.93 -3.02
C ALA E 442 -16.85 6.55 -3.48
N GLU E 443 -17.60 5.83 -2.63
CA GLU E 443 -18.11 4.52 -3.02
C GLU E 443 -19.09 4.63 -4.18
N ILE E 444 -19.96 5.65 -4.15
CA ILE E 444 -20.92 5.84 -5.23
C ILE E 444 -20.19 6.15 -6.53
N LYS E 445 -19.16 6.99 -6.48
CA LYS E 445 -18.41 7.32 -7.68
C LYS E 445 -17.68 6.09 -8.22
N LYS E 446 -17.09 5.29 -7.34
CA LYS E 446 -16.40 4.08 -7.79
C LYS E 446 -17.37 3.09 -8.41
N SER E 447 -18.55 2.92 -7.81
CA SER E 447 -19.55 2.01 -8.37
C SER E 447 -20.05 2.52 -9.72
N TRP E 448 -20.27 3.82 -9.85
CA TRP E 448 -20.70 4.38 -11.13
C TRP E 448 -19.64 4.19 -12.20
N SER E 449 -18.37 4.41 -11.85
CA SER E 449 -17.29 4.19 -12.80
C SER E 449 -17.21 2.73 -13.23
N ARG E 450 -17.34 1.81 -12.27
CA ARG E 450 -17.32 0.39 -12.61
C ARG E 450 -18.49 0.01 -13.51
N TRP E 451 -19.68 0.55 -13.22
CA TRP E 451 -20.85 0.26 -14.06
C TRP E 451 -20.66 0.80 -15.47
N THR E 452 -20.13 2.02 -15.60
CA THR E 452 -19.88 2.58 -16.93
C THR E 452 -18.85 1.78 -17.69
N LEU E 453 -17.78 1.34 -17.01
CA LEU E 453 -16.76 0.54 -17.67
C LEU E 453 -17.30 -0.83 -18.07
N ALA E 454 -18.26 -1.37 -17.30
CA ALA E 454 -18.81 -2.68 -17.63
C ALA E 454 -19.53 -2.66 -18.98
N LEU E 455 -20.30 -1.62 -19.25
CA LEU E 455 -21.00 -1.50 -20.52
C LEU E 455 -20.16 -0.78 -21.56
#